data_5EFY
#
_entry.id   5EFY
#
_cell.length_a   51.790
_cell.length_b   98.426
_cell.length_c   89.611
_cell.angle_alpha   90.00
_cell.angle_beta   100.78
_cell.angle_gamma   90.00
#
_symmetry.space_group_name_H-M   'P 1 21 1'
#
loop_
_entity.id
_entity.type
_entity.pdbx_description
1 polymer 'Putative tetR-family transcriptional regulator'
2 water water
#
_entity_poly.entity_id   1
_entity_poly.type   'polypeptide(L)'
_entity_poly.pdbx_seq_one_letter_code
;HMVSLTERRKAETRMEIARAAARLFVGQGLRATRAEDIARAAGVAPRTFYRYFATKEEAVAPLYALGAERWVRAVREAPA
ELSPPEALERAVRHTLTPGAGVSAPSWEWARTLIRLAESSPALRKVWAEVCHSTERGLVQALAARMSGGDDNVAVRLAAS
PRLHFAAAVAGASVRVAAEHWASSSPQGARSPLEQALLNLEVLRGFAWEAGPAEEG
;
_entity_poly.pdbx_strand_id   A,B,C,D
#
# COMPACT_ATOMS: atom_id res chain seq x y z
N THR A 6 -8.81 7.04 15.09
CA THR A 6 -7.53 7.79 14.90
C THR A 6 -6.65 7.68 16.16
N GLU A 7 -5.33 7.79 15.98
CA GLU A 7 -4.39 7.95 17.09
C GLU A 7 -3.42 9.06 16.72
N ARG A 8 -3.67 10.21 17.33
CA ARG A 8 -2.86 11.40 17.19
C ARG A 8 -1.71 11.41 18.20
N ARG A 9 -1.69 10.46 19.14
CA ARG A 9 -0.64 10.41 20.15
C ARG A 9 0.72 10.40 19.45
N LYS A 10 0.88 9.46 18.51
CA LYS A 10 2.03 9.46 17.58
C LYS A 10 2.25 10.85 17.01
N ALA A 11 1.19 11.47 16.55
CA ALA A 11 1.29 12.83 16.03
C ALA A 11 1.67 13.84 17.12
N GLU A 12 1.13 13.67 18.32
CA GLU A 12 1.44 14.57 19.40
C GLU A 12 2.91 14.52 19.70
N THR A 13 3.45 13.30 19.79
CA THR A 13 4.85 13.11 20.16
C THR A 13 5.81 13.59 19.08
N ARG A 14 5.47 13.35 17.83
CA ARG A 14 6.24 13.87 16.72
C ARG A 14 6.45 15.38 16.78
N MET A 15 5.42 16.14 17.13
CA MET A 15 5.55 17.59 17.19
C MET A 15 6.44 18.03 18.35
N GLU A 16 6.34 17.33 19.46
CA GLU A 16 7.12 17.68 20.61
C GLU A 16 8.59 17.56 20.32
N ILE A 17 8.91 16.51 19.58
CA ILE A 17 10.31 16.29 19.17
C ILE A 17 10.72 17.38 18.18
N ALA A 18 9.83 17.70 17.25
CA ALA A 18 10.11 18.69 16.23
C ALA A 18 10.41 20.05 16.85
N ARG A 19 9.57 20.46 17.78
CA ARG A 19 9.80 21.74 18.42
C ARG A 19 11.15 21.77 19.15
N ALA A 20 11.54 20.61 19.67
CA ALA A 20 12.83 20.51 20.37
C ALA A 20 14.00 20.66 19.41
N ALA A 21 13.89 19.98 18.29
CA ALA A 21 14.92 20.04 17.26
C ALA A 21 15.11 21.48 16.80
N ALA A 22 14.00 22.16 16.57
CA ALA A 22 14.05 23.51 16.03
C ALA A 22 14.80 24.42 16.98
N ARG A 23 14.42 24.41 18.26
CA ARG A 23 15.10 25.27 19.22
C ARG A 23 16.61 25.04 19.21
N LEU A 24 17.00 23.76 19.16
CA LEU A 24 18.41 23.38 19.16
C LEU A 24 19.15 23.78 17.90
N PHE A 25 18.53 23.59 16.76
CA PHE A 25 19.17 23.96 15.50
C PHE A 25 19.43 25.46 15.40
N VAL A 26 18.50 26.26 15.92
CA VAL A 26 18.66 27.71 15.94
C VAL A 26 19.57 28.10 17.08
N GLY A 27 19.45 27.42 18.22
CA GLY A 27 20.31 27.66 19.37
C GLY A 27 21.76 27.34 19.10
N GLN A 28 22.04 26.17 18.53
CA GLN A 28 23.40 25.62 18.42
C GLN A 28 23.89 25.28 17.01
N GLY A 29 23.00 25.24 16.04
CA GLY A 29 23.37 24.82 14.69
C GLY A 29 23.19 23.32 14.49
N LEU A 30 23.12 22.91 13.24
CA LEU A 30 22.78 21.54 12.92
C LEU A 30 23.91 20.57 13.26
N ARG A 31 25.15 20.96 12.93
CA ARG A 31 26.28 20.09 13.15
C ARG A 31 26.54 19.82 14.62
N ALA A 32 26.37 20.85 15.43
CA ALA A 32 26.59 20.73 16.88
C ALA A 32 25.53 19.85 17.50
N THR A 33 24.34 19.90 16.93
CA THR A 33 23.21 19.19 17.48
C THR A 33 23.16 17.78 16.93
N ARG A 34 22.90 16.81 17.79
CA ARG A 34 22.81 15.41 17.38
C ARG A 34 21.44 14.86 17.74
N ALA A 35 21.04 13.81 17.04
CA ALA A 35 19.75 13.19 17.24
C ALA A 35 19.53 12.87 18.71
N GLU A 36 20.59 12.40 19.36
CA GLU A 36 20.52 12.08 20.75
C GLU A 36 20.17 13.34 21.60
N ASP A 37 20.71 14.49 21.23
CA ASP A 37 20.45 15.74 21.98
C ASP A 37 19.02 16.20 21.89
N ILE A 38 18.40 15.93 20.76
CA ILE A 38 17.01 16.27 20.51
C ILE A 38 16.12 15.44 21.42
N ALA A 39 16.40 14.14 21.47
CA ALA A 39 15.67 13.23 22.34
C ALA A 39 15.76 13.72 23.79
N ARG A 40 16.96 14.08 24.24
CA ARG A 40 17.11 14.59 25.58
C ARG A 40 16.25 15.81 25.73
N ALA A 41 16.35 16.72 24.78
CA ALA A 41 15.59 17.97 24.84
C ALA A 41 14.07 17.74 24.87
N ALA A 42 13.61 16.76 24.10
CA ALA A 42 12.19 16.40 24.06
C ALA A 42 11.73 15.55 25.25
N GLY A 43 12.66 15.15 26.11
CA GLY A 43 12.33 14.38 27.30
C GLY A 43 11.86 13.02 26.89
N VAL A 44 12.62 12.38 26.01
CA VAL A 44 12.24 11.08 25.48
C VAL A 44 13.51 10.27 25.22
N ALA A 45 13.37 8.94 25.19
CA ALA A 45 14.50 8.06 24.90
C ALA A 45 14.92 8.08 23.42
N PRO A 46 16.22 7.83 23.15
CA PRO A 46 16.66 7.74 21.76
C PRO A 46 15.89 6.72 20.96
N ARG A 47 15.64 5.55 21.53
CA ARG A 47 14.90 4.51 20.79
C ARG A 47 13.58 5.10 20.27
N THR A 48 12.93 5.92 21.10
CA THR A 48 11.67 6.53 20.73
C THR A 48 11.87 7.51 19.58
N PHE A 49 12.91 8.32 19.67
CA PHE A 49 13.20 9.27 18.62
C PHE A 49 13.29 8.55 17.27
N TYR A 50 14.08 7.48 17.24
CA TYR A 50 14.29 6.77 15.99
C TYR A 50 13.05 6.01 15.51
N ARG A 51 12.16 5.72 16.46
CA ARG A 51 10.88 5.15 16.06
C ARG A 51 10.17 6.08 15.09
N TYR A 52 10.28 7.39 15.35
CA TYR A 52 9.60 8.37 14.55
C TYR A 52 10.40 9.01 13.41
N PHE A 53 11.69 9.23 13.60
CA PHE A 53 12.51 9.89 12.58
C PHE A 53 13.82 9.14 12.35
N ALA A 54 14.24 9.01 11.11
CA ALA A 54 15.50 8.31 10.80
C ALA A 54 16.73 9.17 11.09
N THR A 55 16.59 10.49 10.98
CA THR A 55 17.71 11.41 11.12
C THR A 55 17.27 12.68 11.81
N LYS A 56 18.25 13.44 12.33
CA LYS A 56 17.97 14.72 12.99
C LYS A 56 17.20 15.69 12.06
N GLU A 57 17.60 15.77 10.81
CA GLU A 57 17.00 16.73 9.90
C GLU A 57 15.53 16.40 9.60
N GLU A 58 15.21 15.12 9.53
CA GLU A 58 13.84 14.70 9.26
C GLU A 58 12.92 15.14 10.37
N ALA A 59 13.47 15.44 11.54
CA ALA A 59 12.65 15.84 12.71
C ALA A 59 11.98 17.21 12.60
N VAL A 60 12.38 18.02 11.63
CA VAL A 60 11.76 19.32 11.43
C VAL A 60 10.51 19.24 10.56
N ALA A 61 10.31 18.13 9.89
CA ALA A 61 9.29 18.09 8.89
C ALA A 61 7.91 18.55 9.45
N PRO A 62 7.55 18.03 10.62
CA PRO A 62 6.27 18.43 11.16
C PRO A 62 6.04 19.96 11.27
N LEU A 63 7.11 20.73 11.52
CA LEU A 63 6.98 22.16 11.59
C LEU A 63 6.70 22.73 10.23
N TYR A 64 7.49 22.32 9.25
CA TYR A 64 7.21 22.74 7.90
C TYR A 64 5.80 22.33 7.50
N ALA A 65 5.39 21.09 7.75
CA ALA A 65 4.09 20.63 7.32
C ALA A 65 3.02 21.55 7.84
N LEU A 66 3.25 22.06 9.04
CA LEU A 66 2.30 22.92 9.72
C LEU A 66 1.98 24.17 8.94
N GLY A 67 3.01 24.83 8.40
CA GLY A 67 2.82 26.04 7.61
C GLY A 67 2.13 25.67 6.32
N ALA A 68 2.57 24.60 5.68
CA ALA A 68 2.03 24.23 4.40
C ALA A 68 0.58 23.83 4.49
N GLU A 69 0.18 23.15 5.57
CA GLU A 69 -1.22 22.67 5.70
C GLU A 69 -2.15 23.85 5.94
N ARG A 70 -1.66 24.83 6.69
CA ARG A 70 -2.41 26.04 6.95
C ARG A 70 -2.74 26.71 5.61
N TRP A 71 -1.76 26.82 4.74
CA TRP A 71 -2.01 27.40 3.44
C TRP A 71 -3.09 26.58 2.67
N VAL A 72 -2.95 25.27 2.56
CA VAL A 72 -3.89 24.49 1.82
C VAL A 72 -5.28 24.57 2.43
N ARG A 73 -5.34 24.61 3.76
CA ARG A 73 -6.61 24.66 4.44
C ARG A 73 -7.28 26.00 4.09
N ALA A 74 -6.49 27.08 4.07
CA ALA A 74 -7.00 28.41 3.80
C ALA A 74 -7.60 28.50 2.40
N VAL A 75 -6.98 27.86 1.43
CA VAL A 75 -7.59 27.70 0.11
C VAL A 75 -8.91 26.94 0.17
N ARG A 76 -8.96 25.87 0.94
CA ARG A 76 -10.17 25.04 0.99
C ARG A 76 -11.29 25.78 1.71
N GLU A 77 -10.94 26.43 2.80
CA GLU A 77 -11.90 27.13 3.65
C GLU A 77 -12.39 28.46 3.08
N ALA A 78 -11.73 28.96 2.04
CA ALA A 78 -12.14 30.26 1.49
C ALA A 78 -13.60 30.17 1.12
N PRO A 79 -14.35 31.27 1.29
CA PRO A 79 -15.75 31.27 0.87
C PRO A 79 -15.97 30.80 -0.57
N ALA A 80 -16.98 29.97 -0.77
CA ALA A 80 -17.21 29.32 -2.05
C ALA A 80 -17.31 30.29 -3.23
N GLU A 81 -17.93 31.44 -2.96
CA GLU A 81 -18.20 32.45 -4.00
C GLU A 81 -16.90 32.95 -4.62
N LEU A 82 -15.82 32.86 -3.87
CA LEU A 82 -14.54 33.31 -4.35
C LEU A 82 -14.04 32.44 -5.50
N SER A 83 -13.42 33.11 -6.46
CA SER A 83 -12.72 32.44 -7.54
C SER A 83 -11.40 31.85 -7.09
N PRO A 84 -10.91 30.84 -7.81
CA PRO A 84 -9.61 30.25 -7.42
C PRO A 84 -8.48 31.28 -7.19
N PRO A 85 -8.26 32.20 -8.15
CA PRO A 85 -7.17 33.13 -7.89
C PRO A 85 -7.49 34.01 -6.66
N GLU A 86 -8.77 34.35 -6.48
CA GLU A 86 -9.20 35.03 -5.29
C GLU A 86 -8.94 34.17 -4.07
N ALA A 87 -9.29 32.89 -4.20
CA ALA A 87 -9.12 31.95 -3.09
C ALA A 87 -7.63 31.85 -2.79
N LEU A 88 -6.81 31.82 -3.84
CA LEU A 88 -5.39 31.79 -3.69
C LEU A 88 -4.85 33.04 -3.02
N GLU A 89 -5.31 34.21 -3.48
CA GLU A 89 -4.91 35.44 -2.84
C GLU A 89 -5.32 35.47 -1.37
N ARG A 90 -6.54 35.05 -1.07
CA ARG A 90 -7.02 35.07 0.28
C ARG A 90 -6.14 34.13 1.13
N ALA A 91 -5.88 32.92 0.63
CA ALA A 91 -5.11 31.94 1.37
C ALA A 91 -3.73 32.50 1.74
N VAL A 92 -3.02 33.03 0.75
CA VAL A 92 -1.71 33.61 0.97
C VAL A 92 -1.75 34.67 2.09
N ARG A 93 -2.73 35.56 2.00
CA ARG A 93 -2.79 36.67 2.92
C ARG A 93 -3.02 36.17 4.33
N HIS A 94 -3.88 35.17 4.47
CA HIS A 94 -4.21 34.63 5.79
C HIS A 94 -2.94 34.07 6.48
N THR A 95 -2.15 33.30 5.72
CA THR A 95 -0.96 32.61 6.25
C THR A 95 0.21 33.57 6.46
N LEU A 96 0.54 34.30 5.41
CA LEU A 96 1.79 35.01 5.31
C LEU A 96 1.67 36.50 5.71
N THR A 97 0.54 36.88 6.32
CA THR A 97 0.47 38.14 7.06
C THR A 97 0.40 37.75 8.55
N PRO A 98 1.45 38.07 9.35
CA PRO A 98 1.65 37.38 10.64
C PRO A 98 0.44 37.30 11.59
N GLY A 99 0.17 36.08 12.07
CA GLY A 99 -1.06 35.73 12.79
C GLY A 99 -1.64 36.76 13.73
N SER A 106 8.74 34.09 16.85
CA SER A 106 7.75 33.24 16.15
C SER A 106 7.89 33.36 14.63
N TRP A 107 7.47 34.49 14.09
CA TRP A 107 7.65 34.76 12.70
C TRP A 107 9.12 34.71 12.33
N GLU A 108 9.97 35.30 13.15
CA GLU A 108 11.39 35.32 12.92
C GLU A 108 12.01 33.94 13.01
N TRP A 109 11.52 33.15 13.95
CA TRP A 109 11.94 31.75 14.07
C TRP A 109 11.64 30.93 12.80
N ALA A 110 10.51 31.21 12.15
CA ALA A 110 10.20 30.56 10.88
C ALA A 110 11.28 30.93 9.88
N ARG A 111 11.65 32.20 9.91
CA ARG A 111 12.59 32.72 8.98
C ARG A 111 13.89 32.00 9.14
N THR A 112 14.29 31.77 10.38
CA THR A 112 15.53 31.08 10.61
C THR A 112 15.51 29.58 10.23
N LEU A 113 14.42 28.89 10.49
CA LEU A 113 14.29 27.50 10.07
C LEU A 113 14.33 27.31 8.54
N ILE A 114 13.71 28.24 7.82
CA ILE A 114 13.76 28.14 6.38
C ILE A 114 15.15 28.56 5.94
N ARG A 115 15.69 29.59 6.60
CA ARG A 115 17.06 30.01 6.31
C ARG A 115 18.01 28.82 6.44
N LEU A 116 17.83 27.98 7.46
CA LEU A 116 18.71 26.84 7.65
C LEU A 116 18.77 25.92 6.45
N ALA A 117 17.63 25.74 5.78
CA ALA A 117 17.58 24.93 4.57
C ALA A 117 18.55 25.40 3.46
N GLU A 118 18.76 26.70 3.35
CA GLU A 118 19.68 27.23 2.33
C GLU A 118 21.09 26.70 2.50
N SER A 119 21.45 26.39 3.74
CA SER A 119 22.81 26.00 4.08
C SER A 119 22.98 24.50 4.33
N SER A 120 21.91 23.73 4.32
CA SER A 120 22.02 22.28 4.56
C SER A 120 21.30 21.46 3.50
N PRO A 121 22.07 20.63 2.79
CA PRO A 121 21.40 19.78 1.78
C PRO A 121 20.32 18.90 2.41
N ALA A 122 20.60 18.34 3.57
CA ALA A 122 19.67 17.37 4.17
C ALA A 122 18.36 18.03 4.55
N LEU A 123 18.47 19.24 5.10
CA LEU A 123 17.30 20.04 5.40
C LEU A 123 16.60 20.52 4.14
N ARG A 124 17.34 20.85 3.10
CA ARG A 124 16.72 21.21 1.85
C ARG A 124 15.82 20.05 1.42
N LYS A 125 16.29 18.82 1.54
CA LYS A 125 15.49 17.68 1.10
C LYS A 125 14.15 17.67 1.82
N VAL A 126 14.19 17.83 3.13
CA VAL A 126 12.96 17.86 3.96
C VAL A 126 12.03 18.97 3.52
N TRP A 127 12.61 20.15 3.30
CA TRP A 127 11.84 21.27 2.87
C TRP A 127 11.19 21.04 1.51
N ALA A 128 11.97 20.56 0.56
CA ALA A 128 11.46 20.29 -0.78
C ALA A 128 10.36 19.24 -0.75
N GLU A 129 10.55 18.21 0.06
CA GLU A 129 9.61 17.16 0.21
C GLU A 129 8.25 17.63 0.79
N VAL A 130 8.29 18.44 1.81
CA VAL A 130 7.05 18.95 2.41
C VAL A 130 6.27 19.82 1.41
N CYS A 131 6.97 20.72 0.74
CA CYS A 131 6.34 21.58 -0.21
C CYS A 131 5.76 20.78 -1.36
N HIS A 132 6.50 19.84 -1.89
CA HIS A 132 6.01 19.01 -2.96
C HIS A 132 4.75 18.25 -2.57
N SER A 133 4.65 17.81 -1.34
CA SER A 133 3.46 17.04 -0.88
C SER A 133 2.24 17.90 -0.88
N THR A 134 2.46 19.17 -0.56
CA THR A 134 1.41 20.17 -0.50
C THR A 134 0.70 20.29 -1.84
N GLU A 135 1.42 20.09 -2.94
CA GLU A 135 0.83 20.23 -4.26
C GLU A 135 -0.36 19.37 -4.48
N ARG A 136 -0.28 18.10 -4.12
CA ARG A 136 -1.40 17.21 -4.39
C ARG A 136 -2.59 17.62 -3.57
N GLY A 137 -2.36 18.05 -2.34
CA GLY A 137 -3.44 18.49 -1.45
C GLY A 137 -4.15 19.66 -2.08
N LEU A 138 -3.32 20.56 -2.60
CA LEU A 138 -3.81 21.79 -3.17
C LEU A 138 -4.64 21.55 -4.43
N VAL A 139 -4.27 20.55 -5.20
CA VAL A 139 -5.05 20.18 -6.36
C VAL A 139 -6.40 19.68 -5.90
N GLN A 140 -6.44 18.96 -4.79
CA GLN A 140 -7.67 18.39 -4.27
C GLN A 140 -8.60 19.46 -3.66
N ALA A 141 -8.03 20.54 -3.17
CA ALA A 141 -8.74 21.72 -2.76
C ALA A 141 -9.32 22.50 -3.93
N LEU A 142 -8.47 22.82 -4.90
CA LEU A 142 -8.89 23.56 -6.07
C LEU A 142 -9.90 22.84 -6.91
N ALA A 143 -9.69 21.54 -7.10
CA ALA A 143 -10.60 20.71 -7.87
C ALA A 143 -11.99 20.80 -7.27
N ALA A 144 -12.08 20.61 -5.97
CA ALA A 144 -13.34 20.70 -5.25
C ALA A 144 -14.04 22.05 -5.51
N ARG A 145 -13.32 23.14 -5.22
CA ARG A 145 -13.87 24.46 -5.41
C ARG A 145 -14.54 24.68 -6.78
N MET A 146 -13.92 24.16 -7.84
CA MET A 146 -14.43 24.36 -9.17
C MET A 146 -15.42 23.28 -9.53
N SER A 147 -15.42 22.20 -8.73
CA SER A 147 -16.20 20.99 -9.01
C SER A 147 -17.66 21.25 -9.26
N GLY A 148 -18.24 22.26 -8.60
CA GLY A 148 -19.67 22.46 -8.63
C GLY A 148 -20.34 21.42 -7.74
N GLY A 149 -19.59 20.90 -6.75
CA GLY A 149 -20.15 19.97 -5.77
C GLY A 149 -20.06 18.48 -6.09
N ASP A 150 -20.03 18.14 -7.38
CA ASP A 150 -19.92 16.74 -7.80
C ASP A 150 -18.52 16.21 -7.54
N ASP A 151 -18.36 15.33 -6.55
CA ASP A 151 -17.09 14.64 -6.32
C ASP A 151 -16.61 13.98 -7.62
N ASN A 152 -17.52 13.28 -8.29
CA ASN A 152 -17.23 12.63 -9.59
C ASN A 152 -16.63 13.62 -10.60
N VAL A 153 -17.25 14.78 -10.77
CA VAL A 153 -16.67 15.84 -11.63
C VAL A 153 -15.32 16.31 -11.10
N ALA A 154 -15.20 16.39 -9.78
CA ALA A 154 -13.99 16.85 -9.12
C ALA A 154 -12.81 15.93 -9.39
N VAL A 155 -13.02 14.62 -9.26
CA VAL A 155 -11.95 13.65 -9.41
C VAL A 155 -11.35 13.76 -10.82
N ARG A 156 -12.20 14.02 -11.82
CA ARG A 156 -11.75 14.22 -13.19
C ARG A 156 -10.78 15.40 -13.21
N LEU A 157 -11.19 16.53 -12.63
CA LEU A 157 -10.35 17.73 -12.59
C LEU A 157 -9.05 17.55 -11.82
N ALA A 158 -9.07 16.75 -10.76
CA ALA A 158 -7.84 16.51 -9.98
C ALA A 158 -6.81 15.68 -10.76
N ALA A 159 -7.26 15.00 -11.83
CA ALA A 159 -6.35 14.22 -12.67
C ALA A 159 -5.89 15.08 -13.84
N SER A 160 -6.34 16.33 -13.86
CA SER A 160 -6.05 17.23 -14.97
C SER A 160 -4.60 17.76 -14.91
N PRO A 161 -3.80 17.50 -15.95
CA PRO A 161 -2.45 18.07 -15.94
C PRO A 161 -2.42 19.62 -15.86
N ARG A 162 -3.41 20.28 -16.41
CA ARG A 162 -3.46 21.75 -16.44
C ARG A 162 -3.58 22.22 -15.01
N LEU A 163 -4.45 21.55 -14.26
CA LEU A 163 -4.62 21.89 -12.84
C LEU A 163 -3.35 21.52 -12.02
N HIS A 164 -2.76 20.33 -12.28
CA HIS A 164 -1.49 19.98 -11.69
C HIS A 164 -0.43 21.10 -11.83
N PHE A 165 -0.26 21.61 -13.03
CA PHE A 165 0.65 22.72 -13.24
C PHE A 165 0.28 23.99 -12.47
N ALA A 166 -1.01 24.39 -12.50
CA ALA A 166 -1.46 25.65 -11.81
C ALA A 166 -1.16 25.55 -10.32
N ALA A 167 -1.49 24.39 -9.75
CA ALA A 167 -1.17 24.12 -8.35
C ALA A 167 0.32 24.27 -8.06
N ALA A 168 1.15 23.76 -8.96
CA ALA A 168 2.59 23.84 -8.77
C ALA A 168 3.04 25.31 -8.78
N VAL A 169 2.46 26.08 -9.69
CA VAL A 169 2.80 27.49 -9.84
C VAL A 169 2.38 28.32 -8.59
N ALA A 170 1.20 28.04 -8.05
CA ALA A 170 0.77 28.67 -6.85
C ALA A 170 1.68 28.32 -5.69
N GLY A 171 1.93 27.01 -5.54
CA GLY A 171 2.87 26.54 -4.50
C GLY A 171 4.20 27.28 -4.60
N ALA A 172 4.74 27.34 -5.81
CA ALA A 172 6.04 27.90 -6.04
C ALA A 172 6.03 29.39 -5.72
N SER A 173 4.91 30.07 -5.98
CA SER A 173 4.81 31.50 -5.73
C SER A 173 5.08 31.80 -4.25
N VAL A 174 4.47 31.01 -3.38
CA VAL A 174 4.68 31.16 -1.94
C VAL A 174 6.05 30.63 -1.49
N ARG A 175 6.40 29.40 -1.87
CA ARG A 175 7.67 28.78 -1.48
C ARG A 175 8.89 29.62 -1.84
N VAL A 176 8.94 30.09 -3.08
CA VAL A 176 10.09 30.87 -3.55
C VAL A 176 10.18 32.15 -2.76
N ALA A 177 9.04 32.83 -2.57
CA ALA A 177 9.00 34.06 -1.76
C ALA A 177 9.56 33.77 -0.40
N ALA A 178 9.04 32.71 0.23
CA ALA A 178 9.46 32.32 1.57
C ALA A 178 10.95 32.11 1.61
N GLU A 179 11.48 31.39 0.62
CA GLU A 179 12.91 31.08 0.59
C GLU A 179 13.76 32.32 0.46
N HIS A 180 13.39 33.22 -0.43
CA HIS A 180 14.10 34.49 -0.64
C HIS A 180 14.00 35.37 0.61
N TRP A 181 12.79 35.48 1.17
CA TRP A 181 12.59 36.20 2.42
C TRP A 181 13.53 35.71 3.49
N ALA A 182 13.71 34.39 3.60
CA ALA A 182 14.54 33.83 4.63
C ALA A 182 16.02 34.05 4.39
N SER A 183 16.45 34.05 3.14
CA SER A 183 17.87 34.16 2.80
C SER A 183 18.29 35.63 2.81
N SER A 184 17.34 36.52 2.51
CA SER A 184 17.64 37.96 2.47
C SER A 184 17.76 38.57 3.86
N PRO A 192 7.42 38.13 3.21
CA PRO A 192 7.18 37.22 2.07
C PRO A 192 5.90 37.57 1.28
N LEU A 193 4.99 38.26 1.95
CA LEU A 193 3.70 38.56 1.37
C LEU A 193 3.74 39.27 0.04
N GLU A 194 4.62 40.26 -0.07
CA GLU A 194 4.60 41.11 -1.27
C GLU A 194 5.08 40.26 -2.45
N GLN A 195 6.08 39.41 -2.21
CA GLN A 195 6.64 38.56 -3.26
C GLN A 195 5.65 37.49 -3.71
N ALA A 196 5.03 36.83 -2.75
CA ALA A 196 4.10 35.80 -3.08
C ALA A 196 2.98 36.35 -3.96
N LEU A 197 2.45 37.53 -3.62
CA LEU A 197 1.34 38.09 -4.36
C LEU A 197 1.75 38.51 -5.75
N LEU A 198 2.94 39.09 -5.83
CA LEU A 198 3.52 39.50 -7.10
C LEU A 198 3.64 38.27 -7.95
N ASN A 199 4.21 37.22 -7.36
CA ASN A 199 4.42 35.95 -8.06
C ASN A 199 3.13 35.39 -8.58
N LEU A 200 2.09 35.42 -7.77
CA LEU A 200 0.82 34.87 -8.21
C LEU A 200 0.28 35.53 -9.46
N GLU A 201 0.59 36.81 -9.65
CA GLU A 201 0.03 37.56 -10.77
C GLU A 201 0.19 36.85 -12.10
N VAL A 202 1.21 35.98 -12.18
CA VAL A 202 1.49 35.25 -13.39
C VAL A 202 0.38 34.30 -13.77
N LEU A 203 -0.51 33.98 -12.82
CA LEU A 203 -1.68 33.16 -13.11
C LEU A 203 -2.86 33.98 -13.53
N ARG A 204 -2.73 35.29 -13.66
CA ARG A 204 -3.88 36.13 -13.93
C ARG A 204 -4.73 35.61 -15.08
N GLY A 205 -4.07 35.20 -16.13
CA GLY A 205 -4.77 34.82 -17.32
C GLY A 205 -5.24 33.40 -17.32
N PHE A 206 -4.94 32.68 -16.25
CA PHE A 206 -4.89 31.21 -16.34
C PHE A 206 -6.25 30.63 -16.73
N ALA A 207 -6.22 29.60 -17.59
CA ALA A 207 -7.41 28.92 -18.04
C ALA A 207 -7.82 27.93 -16.97
N TRP A 208 -8.59 28.45 -16.00
CA TRP A 208 -9.18 27.68 -14.93
C TRP A 208 -10.45 27.06 -15.51
N ARG B 8 34.41 12.99 -6.57
CA ARG B 8 35.62 12.21 -7.00
C ARG B 8 35.25 10.79 -7.45
N ARG B 9 35.78 9.77 -6.77
CA ARG B 9 35.30 8.38 -6.89
C ARG B 9 33.86 8.16 -6.40
N LYS B 10 33.48 8.92 -5.37
CA LYS B 10 32.19 8.83 -4.77
C LYS B 10 31.08 8.79 -5.79
N ALA B 11 31.15 9.65 -6.79
CA ALA B 11 30.09 9.73 -7.77
C ALA B 11 30.01 8.47 -8.64
N GLU B 12 31.17 7.94 -9.02
CA GLU B 12 31.20 6.72 -9.77
C GLU B 12 30.52 5.59 -8.98
N THR B 13 30.91 5.50 -7.71
CA THR B 13 30.39 4.46 -6.84
C THR B 13 28.90 4.64 -6.63
N ARG B 14 28.52 5.87 -6.32
CA ARG B 14 27.11 6.20 -6.17
C ARG B 14 26.25 5.78 -7.37
N MET B 15 26.74 5.96 -8.59
CA MET B 15 25.95 5.58 -9.75
C MET B 15 25.83 4.07 -9.89
N GLU B 16 26.90 3.36 -9.54
CA GLU B 16 26.85 1.92 -9.67
C GLU B 16 25.82 1.34 -8.77
N ILE B 17 25.70 1.92 -7.58
CA ILE B 17 24.73 1.46 -6.60
C ILE B 17 23.36 1.80 -7.13
N ALA B 18 23.20 3.00 -7.68
CA ALA B 18 21.93 3.45 -8.20
C ALA B 18 21.43 2.57 -9.30
N ARG B 19 22.31 2.23 -10.25
CA ARG B 19 21.92 1.36 -11.36
C ARG B 19 21.49 -0.02 -10.84
N ALA B 20 22.14 -0.46 -9.77
CA ALA B 20 21.79 -1.74 -9.16
C ALA B 20 20.42 -1.71 -8.51
N ALA B 21 20.15 -0.63 -7.77
CA ALA B 21 18.84 -0.46 -7.17
C ALA B 21 17.76 -0.47 -8.23
N ALA B 22 17.98 0.26 -9.32
CA ALA B 22 16.99 0.39 -10.35
C ALA B 22 16.65 -0.97 -10.94
N ARG B 23 17.67 -1.75 -11.32
CA ARG B 23 17.43 -3.05 -11.91
C ARG B 23 16.58 -3.92 -10.97
N LEU B 24 16.90 -3.89 -9.69
CA LEU B 24 16.18 -4.65 -8.68
C LEU B 24 14.75 -4.17 -8.47
N PHE B 25 14.55 -2.86 -8.41
CA PHE B 25 13.22 -2.33 -8.20
C PHE B 25 12.29 -2.75 -9.33
N VAL B 26 12.82 -2.77 -10.55
CA VAL B 26 12.03 -3.16 -11.71
C VAL B 26 11.95 -4.67 -11.79
N GLY B 27 13.05 -5.35 -11.44
CA GLY B 27 13.09 -6.79 -11.41
C GLY B 27 12.19 -7.42 -10.36
N GLN B 28 12.21 -6.88 -9.14
CA GLN B 28 11.50 -7.49 -7.99
C GLN B 28 10.51 -6.60 -7.25
N GLY B 29 10.51 -5.29 -7.53
CA GLY B 29 9.66 -4.36 -6.80
C GLY B 29 10.36 -3.77 -5.59
N LEU B 30 9.86 -2.63 -5.15
CA LEU B 30 10.50 -1.83 -4.14
C LEU B 30 10.45 -2.46 -2.77
N ARG B 31 9.28 -2.98 -2.43
CA ARG B 31 9.06 -3.61 -1.16
C ARG B 31 9.89 -4.87 -1.00
N ALA B 32 9.99 -5.65 -2.05
CA ALA B 32 10.71 -6.92 -2.00
C ALA B 32 12.20 -6.69 -1.84
N THR B 33 12.66 -5.60 -2.41
CA THR B 33 14.07 -5.31 -2.45
C THR B 33 14.45 -4.56 -1.18
N ARG B 34 15.60 -4.93 -0.61
CA ARG B 34 16.08 -4.27 0.58
C ARG B 34 17.48 -3.69 0.32
N ALA B 35 17.87 -2.76 1.17
CA ALA B 35 19.14 -2.07 1.04
C ALA B 35 20.27 -3.08 0.96
N GLU B 36 20.17 -4.14 1.75
CA GLU B 36 21.21 -5.16 1.72
C GLU B 36 21.31 -5.83 0.33
N ASP B 37 20.17 -6.03 -0.34
CA ASP B 37 20.15 -6.68 -1.65
C ASP B 37 20.82 -5.84 -2.73
N ILE B 38 20.71 -4.53 -2.56
CA ILE B 38 21.28 -3.58 -3.50
C ILE B 38 22.77 -3.60 -3.41
N ALA B 39 23.28 -3.63 -2.19
CA ALA B 39 24.72 -3.76 -1.94
C ALA B 39 25.29 -5.01 -2.60
N ARG B 40 24.59 -6.13 -2.41
CA ARG B 40 25.03 -7.36 -3.02
C ARG B 40 25.08 -7.15 -4.53
N ALA B 41 23.98 -6.63 -5.05
CA ALA B 41 23.89 -6.45 -6.49
C ALA B 41 25.00 -5.53 -7.02
N ALA B 42 25.32 -4.49 -6.27
CA ALA B 42 26.36 -3.54 -6.65
C ALA B 42 27.78 -4.03 -6.41
N GLY B 43 27.90 -5.20 -5.80
CA GLY B 43 29.20 -5.78 -5.53
C GLY B 43 29.93 -4.90 -4.53
N VAL B 44 29.25 -4.63 -3.43
CA VAL B 44 29.77 -3.78 -2.40
C VAL B 44 29.25 -4.30 -1.05
N ALA B 45 30.00 -4.01 0.02
CA ALA B 45 29.55 -4.33 1.36
C ALA B 45 28.43 -3.39 1.84
N PRO B 46 27.59 -3.86 2.77
CA PRO B 46 26.54 -3.00 3.30
C PRO B 46 27.09 -1.72 3.92
N ARG B 47 28.18 -1.83 4.66
CA ARG B 47 28.77 -0.65 5.28
C ARG B 47 29.02 0.43 4.22
N THR B 48 29.48 0.00 3.05
CA THR B 48 29.75 0.94 1.95
C THR B 48 28.45 1.56 1.43
N PHE B 49 27.42 0.74 1.30
CA PHE B 49 26.14 1.24 0.85
C PHE B 49 25.66 2.38 1.76
N TYR B 50 25.68 2.13 3.05
CA TYR B 50 25.21 3.12 4.01
C TYR B 50 26.12 4.33 4.08
N ARG B 51 27.36 4.19 3.67
CA ARG B 51 28.26 5.33 3.60
C ARG B 51 27.69 6.36 2.65
N TYR B 52 27.08 5.89 1.57
CA TYR B 52 26.52 6.78 0.61
C TYR B 52 25.03 7.11 0.72
N PHE B 53 24.21 6.15 1.12
CA PHE B 53 22.77 6.34 1.19
C PHE B 53 22.20 5.86 2.53
N ALA B 54 21.25 6.62 3.09
CA ALA B 54 20.61 6.22 4.36
C ALA B 54 19.57 5.13 4.16
N THR B 55 18.93 5.07 2.98
CA THR B 55 17.85 4.17 2.72
C THR B 55 17.87 3.67 1.30
N LYS B 56 17.15 2.58 1.03
CA LYS B 56 17.05 2.05 -0.34
C LYS B 56 16.50 3.09 -1.37
N GLU B 57 15.48 3.84 -0.98
CA GLU B 57 14.89 4.75 -1.93
C GLU B 57 15.82 5.91 -2.29
N GLU B 58 16.65 6.35 -1.34
CA GLU B 58 17.57 7.44 -1.60
C GLU B 58 18.56 7.04 -2.64
N ALA B 59 18.73 5.74 -2.86
CA ALA B 59 19.73 5.23 -3.84
C ALA B 59 19.40 5.50 -5.31
N VAL B 60 18.16 5.90 -5.60
CA VAL B 60 17.77 6.22 -6.94
C VAL B 60 18.07 7.67 -7.31
N ALA B 61 18.42 8.49 -6.33
CA ALA B 61 18.60 9.89 -6.61
C ALA B 61 19.58 10.16 -7.77
N PRO B 62 20.73 9.48 -7.80
CA PRO B 62 21.66 9.76 -8.88
C PRO B 62 21.08 9.54 -10.29
N LEU B 63 20.12 8.64 -10.44
CA LEU B 63 19.46 8.45 -11.73
C LEU B 63 18.58 9.62 -12.03
N TYR B 64 17.76 10.00 -11.09
CA TYR B 64 16.97 11.22 -11.27
C TYR B 64 17.85 12.45 -11.57
N ALA B 65 18.93 12.62 -10.79
CA ALA B 65 19.79 13.77 -10.97
C ALA B 65 20.26 13.84 -12.38
N LEU B 66 20.45 12.68 -12.99
CA LEU B 66 20.93 12.58 -14.35
C LEU B 66 19.99 13.29 -15.33
N GLY B 67 18.69 13.08 -15.18
CA GLY B 67 17.70 13.69 -16.08
C GLY B 67 17.64 15.19 -15.84
N ALA B 68 17.66 15.58 -14.59
CA ALA B 68 17.57 16.96 -14.21
C ALA B 68 18.78 17.75 -14.66
N GLU B 69 19.97 17.19 -14.59
CA GLU B 69 21.19 17.90 -14.99
C GLU B 69 21.23 18.09 -16.51
N ARG B 70 20.73 17.12 -17.25
CA ARG B 70 20.51 17.27 -18.67
C ARG B 70 19.65 18.56 -19.02
N TRP B 71 18.50 18.71 -18.38
CA TRP B 71 17.69 19.87 -18.55
C TRP B 71 18.43 21.19 -18.24
N VAL B 72 19.07 21.29 -17.11
CA VAL B 72 19.81 22.49 -16.77
C VAL B 72 20.97 22.75 -17.74
N ARG B 73 21.65 21.67 -18.14
CA ARG B 73 22.78 21.80 -19.01
C ARG B 73 22.30 22.31 -20.35
N ALA B 74 21.16 21.82 -20.83
CA ALA B 74 20.60 22.25 -22.10
C ALA B 74 20.27 23.77 -22.13
N VAL B 75 19.75 24.30 -21.03
CA VAL B 75 19.65 25.74 -20.86
C VAL B 75 21.03 26.48 -20.93
N ARG B 76 22.03 25.93 -20.25
CA ARG B 76 23.33 26.57 -20.21
C ARG B 76 24.00 26.52 -21.57
N GLU B 77 23.91 25.37 -22.22
CA GLU B 77 24.59 25.11 -23.50
C GLU B 77 23.87 25.69 -24.70
N ALA B 78 22.66 26.21 -24.53
CA ALA B 78 21.95 26.82 -25.66
C ALA B 78 22.84 27.91 -26.24
N PRO B 79 22.81 28.10 -27.57
CA PRO B 79 23.64 29.15 -28.16
C PRO B 79 23.43 30.52 -27.49
N ALA B 80 24.53 31.23 -27.27
CA ALA B 80 24.52 32.46 -26.50
C ALA B 80 23.53 33.50 -27.05
N GLU B 81 23.42 33.54 -28.37
CA GLU B 81 22.58 34.54 -29.06
C GLU B 81 21.11 34.40 -28.63
N LEU B 82 20.73 33.21 -28.21
CA LEU B 82 19.35 32.95 -27.82
C LEU B 82 18.93 33.70 -26.59
N SER B 83 17.70 34.19 -26.60
CA SER B 83 17.08 34.80 -25.44
C SER B 83 16.70 33.73 -24.42
N PRO B 84 16.61 34.11 -23.15
CA PRO B 84 16.19 33.15 -22.13
C PRO B 84 14.94 32.33 -22.47
N PRO B 85 13.84 32.97 -22.86
CA PRO B 85 12.69 32.11 -23.19
C PRO B 85 12.98 31.19 -24.38
N GLU B 86 13.73 31.71 -25.35
CA GLU B 86 14.21 30.87 -26.44
C GLU B 86 15.10 29.75 -25.89
N ALA B 87 15.99 30.10 -24.96
CA ALA B 87 16.88 29.12 -24.38
C ALA B 87 16.05 28.08 -23.65
N LEU B 88 15.04 28.54 -22.94
CA LEU B 88 14.14 27.66 -22.21
C LEU B 88 13.40 26.73 -23.17
N GLU B 89 12.88 27.28 -24.25
CA GLU B 89 12.21 26.51 -25.26
C GLU B 89 13.16 25.45 -25.90
N ARG B 90 14.38 25.86 -26.21
CA ARG B 90 15.36 24.95 -26.75
C ARG B 90 15.62 23.82 -25.71
N ALA B 91 15.82 24.16 -24.44
CA ALA B 91 16.17 23.17 -23.42
C ALA B 91 15.08 22.12 -23.33
N VAL B 92 13.84 22.56 -23.22
CA VAL B 92 12.70 21.66 -23.13
C VAL B 92 12.68 20.69 -24.28
N ARG B 93 12.88 21.21 -25.48
CA ARG B 93 12.81 20.39 -26.69
C ARG B 93 13.90 19.33 -26.66
N HIS B 94 15.10 19.72 -26.23
CA HIS B 94 16.23 18.83 -26.14
C HIS B 94 15.96 17.78 -25.05
N THR B 95 15.52 18.25 -23.89
CA THR B 95 15.40 17.43 -22.72
C THR B 95 14.31 16.40 -22.88
N LEU B 96 13.21 16.76 -23.53
CA LEU B 96 12.04 15.90 -23.70
C LEU B 96 11.83 15.38 -25.13
N THR B 97 12.82 15.53 -26.01
CA THR B 97 12.82 14.83 -27.28
C THR B 97 13.86 13.72 -27.19
N PRO B 98 13.44 12.44 -27.30
CA PRO B 98 14.39 11.31 -27.16
C PRO B 98 15.57 11.39 -28.14
N SER B 103 18.07 4.79 -28.52
CA SER B 103 18.11 5.20 -27.08
C SER B 103 16.74 5.22 -26.37
N ALA B 104 15.82 4.37 -26.82
CA ALA B 104 14.58 4.17 -26.07
C ALA B 104 14.85 3.46 -24.75
N PRO B 105 15.84 2.53 -24.71
CA PRO B 105 16.04 1.91 -23.42
C PRO B 105 16.32 2.94 -22.35
N SER B 106 16.95 4.04 -22.73
CA SER B 106 17.28 5.11 -21.82
C SER B 106 16.06 5.96 -21.48
N TRP B 107 15.20 6.17 -22.47
CA TRP B 107 13.97 6.90 -22.24
C TRP B 107 12.95 6.06 -21.50
N GLU B 108 12.87 4.78 -21.82
CA GLU B 108 11.91 3.90 -21.20
C GLU B 108 12.23 3.64 -19.74
N TRP B 109 13.50 3.53 -19.39
CA TRP B 109 13.88 3.44 -17.97
C TRP B 109 13.43 4.62 -17.11
N ALA B 110 13.53 5.81 -17.67
CA ALA B 110 13.20 7.02 -16.95
C ALA B 110 11.74 7.00 -16.62
N ARG B 111 10.95 6.59 -17.61
CA ARG B 111 9.52 6.56 -17.44
C ARG B 111 9.10 5.65 -16.30
N THR B 112 9.74 4.49 -16.22
CA THR B 112 9.51 3.58 -15.15
C THR B 112 9.91 4.08 -13.76
N LEU B 113 11.08 4.67 -13.68
CA LEU B 113 11.57 5.21 -12.41
C LEU B 113 10.72 6.38 -11.88
N ILE B 114 10.23 7.22 -12.78
CA ILE B 114 9.34 8.29 -12.36
C ILE B 114 8.02 7.70 -12.01
N ARG B 115 7.58 6.73 -12.79
CA ARG B 115 6.35 6.02 -12.45
C ARG B 115 6.39 5.45 -11.03
N LEU B 116 7.52 4.89 -10.63
CA LEU B 116 7.65 4.33 -9.28
C LEU B 116 7.37 5.34 -8.17
N ALA B 117 7.79 6.58 -8.37
CA ALA B 117 7.53 7.64 -7.43
C ALA B 117 6.04 7.82 -7.13
N GLU B 118 5.18 7.59 -8.11
CA GLU B 118 3.74 7.81 -7.89
C GLU B 118 3.20 6.85 -6.82
N SER B 119 3.87 5.71 -6.66
CA SER B 119 3.41 4.67 -5.74
C SER B 119 4.20 4.59 -4.43
N SER B 120 5.27 5.36 -4.29
CA SER B 120 6.04 5.33 -3.05
C SER B 120 6.30 6.71 -2.46
N PRO B 121 5.83 6.96 -1.26
CA PRO B 121 6.11 8.26 -0.64
C PRO B 121 7.60 8.55 -0.50
N ALA B 122 8.37 7.55 -0.14
CA ALA B 122 9.82 7.74 0.07
C ALA B 122 10.55 8.11 -1.20
N LEU B 123 10.17 7.47 -2.28
CA LEU B 123 10.71 7.82 -3.59
C LEU B 123 10.22 9.16 -4.02
N ARG B 124 8.96 9.49 -3.71
CA ARG B 124 8.44 10.83 -4.06
C ARG B 124 9.39 11.89 -3.43
N LYS B 125 9.80 11.66 -2.19
CA LYS B 125 10.69 12.60 -1.55
C LYS B 125 11.97 12.81 -2.33
N VAL B 126 12.59 11.72 -2.75
CA VAL B 126 13.83 11.76 -3.55
C VAL B 126 13.63 12.51 -4.86
N TRP B 127 12.53 12.18 -5.54
CA TRP B 127 12.15 12.86 -6.78
C TRP B 127 11.93 14.38 -6.58
N ALA B 128 11.18 14.74 -5.56
CA ALA B 128 10.95 16.13 -5.27
C ALA B 128 12.25 16.88 -4.93
N GLU B 129 13.09 16.23 -4.15
CA GLU B 129 14.37 16.82 -3.77
C GLU B 129 15.33 17.07 -4.94
N VAL B 130 15.41 16.11 -5.87
CA VAL B 130 16.26 16.30 -7.06
C VAL B 130 15.75 17.46 -7.91
N CYS B 131 14.45 17.47 -8.19
CA CYS B 131 13.87 18.55 -9.02
C CYS B 131 14.08 19.91 -8.31
N HIS B 132 13.84 19.99 -7.02
CA HIS B 132 14.08 21.24 -6.37
C HIS B 132 15.51 21.77 -6.46
N SER B 133 16.49 20.88 -6.45
CA SER B 133 17.90 21.28 -6.49
C SER B 133 18.21 21.95 -7.80
N THR B 134 17.53 21.45 -8.81
CA THR B 134 17.68 21.93 -10.16
C THR B 134 17.39 23.44 -10.28
N GLU B 135 16.46 23.93 -9.47
CA GLU B 135 16.10 25.34 -9.50
C GLU B 135 17.26 26.28 -9.31
N ARG B 136 18.09 26.04 -8.31
CA ARG B 136 19.18 26.97 -8.04
C ARG B 136 20.14 26.98 -9.23
N GLY B 137 20.40 25.80 -9.80
CA GLY B 137 21.34 25.71 -10.91
C GLY B 137 20.83 26.52 -12.08
N LEU B 138 19.53 26.40 -12.29
CA LEU B 138 18.86 27.05 -13.38
C LEU B 138 18.88 28.57 -13.26
N VAL B 139 18.76 29.07 -12.04
CA VAL B 139 18.82 30.50 -11.85
C VAL B 139 20.20 30.99 -12.24
N GLN B 140 21.22 30.19 -11.92
CA GLN B 140 22.60 30.59 -12.25
C GLN B 140 22.78 30.62 -13.77
N ALA B 141 22.20 29.62 -14.45
CA ALA B 141 22.26 29.54 -15.92
C ALA B 141 21.58 30.74 -16.58
N LEU B 142 20.35 30.99 -16.17
CA LEU B 142 19.58 32.11 -16.72
C LEU B 142 20.19 33.47 -16.43
N ALA B 143 20.69 33.63 -15.20
CA ALA B 143 21.33 34.88 -14.82
C ALA B 143 22.51 35.18 -15.74
N ALA B 144 23.37 34.18 -15.95
CA ALA B 144 24.49 34.30 -16.88
C ALA B 144 24.02 34.73 -18.29
N ARG B 145 23.08 34.00 -18.87
CA ARG B 145 22.55 34.37 -20.18
C ARG B 145 22.18 35.86 -20.33
N MET B 146 21.55 36.41 -19.30
CA MET B 146 21.11 37.79 -19.35
C MET B 146 22.23 38.71 -18.88
N SER B 147 23.24 38.12 -18.24
CA SER B 147 24.36 38.83 -17.63
C SER B 147 25.02 39.85 -18.54
N GLY B 148 25.11 39.51 -19.82
CA GLY B 148 25.93 40.27 -20.74
C GLY B 148 27.40 39.99 -20.45
N GLY B 149 27.68 38.83 -19.85
CA GLY B 149 29.06 38.41 -19.55
C GLY B 149 29.67 38.84 -18.22
N ASP B 150 29.19 39.96 -17.66
CA ASP B 150 29.70 40.44 -16.37
C ASP B 150 29.18 39.54 -15.24
N ASP B 151 30.09 38.78 -14.64
CA ASP B 151 29.73 37.98 -13.45
C ASP B 151 29.10 38.89 -12.39
N ASN B 152 29.73 40.04 -12.14
CA ASN B 152 29.20 41.03 -11.20
C ASN B 152 27.74 41.39 -11.50
N VAL B 153 27.43 41.72 -12.75
CA VAL B 153 26.04 41.99 -13.12
C VAL B 153 25.15 40.73 -12.93
N ALA B 154 25.73 39.57 -13.20
CA ALA B 154 25.03 38.30 -13.08
C ALA B 154 24.60 37.99 -11.65
N VAL B 155 25.50 38.19 -10.70
CA VAL B 155 25.24 37.85 -9.31
C VAL B 155 24.04 38.65 -8.81
N ARG B 156 23.91 39.90 -9.27
CA ARG B 156 22.74 40.70 -8.93
C ARG B 156 21.48 39.99 -9.35
N LEU B 157 21.45 39.58 -10.62
CA LEU B 157 20.27 38.91 -11.21
C LEU B 157 19.96 37.58 -10.56
N ALA B 158 20.98 36.87 -10.11
CA ALA B 158 20.74 35.58 -9.46
C ALA B 158 20.11 35.72 -8.07
N ALA B 159 20.18 36.92 -7.51
CA ALA B 159 19.57 37.19 -6.23
C ALA B 159 18.17 37.73 -6.43
N SER B 160 17.75 37.85 -7.68
CA SER B 160 16.46 38.45 -8.02
C SER B 160 15.27 37.52 -7.70
N PRO B 161 14.32 37.95 -6.86
CA PRO B 161 13.17 37.09 -6.59
C PRO B 161 12.29 36.79 -7.82
N ARG B 162 12.27 37.70 -8.77
CA ARG B 162 11.52 37.53 -10.00
C ARG B 162 12.12 36.37 -10.79
N LEU B 163 13.45 36.31 -10.87
CA LEU B 163 14.15 35.23 -11.55
C LEU B 163 13.96 33.92 -10.79
N HIS B 164 14.10 33.94 -9.46
CA HIS B 164 13.83 32.73 -8.68
C HIS B 164 12.45 32.13 -9.03
N PHE B 165 11.43 32.96 -9.08
CA PHE B 165 10.10 32.45 -9.43
C PHE B 165 10.02 31.88 -10.86
N ALA B 166 10.57 32.61 -11.83
CA ALA B 166 10.54 32.17 -13.21
C ALA B 166 11.22 30.79 -13.35
N ALA B 167 12.40 30.65 -12.75
CA ALA B 167 13.10 29.37 -12.68
C ALA B 167 12.23 28.26 -12.11
N ALA B 168 11.49 28.58 -11.04
CA ALA B 168 10.60 27.59 -10.43
C ALA B 168 9.49 27.13 -11.41
N VAL B 169 8.97 28.09 -12.12
CA VAL B 169 7.87 27.86 -13.04
C VAL B 169 8.35 27.02 -14.22
N ALA B 170 9.54 27.31 -14.75
CA ALA B 170 10.12 26.53 -15.82
C ALA B 170 10.37 25.10 -15.35
N GLY B 171 10.98 24.96 -14.18
CA GLY B 171 11.17 23.65 -13.58
C GLY B 171 9.87 22.86 -13.48
N ALA B 172 8.83 23.50 -12.95
CA ALA B 172 7.52 22.86 -12.76
C ALA B 172 6.91 22.46 -14.09
N SER B 173 7.11 23.28 -15.10
CA SER B 173 6.52 22.99 -16.40
C SER B 173 7.01 21.62 -16.92
N VAL B 174 8.32 21.37 -16.79
CA VAL B 174 8.91 20.11 -17.19
C VAL B 174 8.55 18.97 -16.24
N ARG B 175 8.75 19.18 -14.94
CA ARG B 175 8.47 18.13 -13.96
C ARG B 175 7.05 17.61 -14.03
N VAL B 176 6.10 18.50 -14.07
CA VAL B 176 4.69 18.09 -14.08
C VAL B 176 4.39 17.28 -15.33
N ALA B 177 4.88 17.77 -16.45
CA ALA B 177 4.73 17.06 -17.71
C ALA B 177 5.33 15.63 -17.57
N ALA B 178 6.57 15.56 -17.07
CA ALA B 178 7.26 14.31 -16.87
C ALA B 178 6.47 13.36 -16.00
N GLU B 179 5.89 13.89 -14.93
CA GLU B 179 5.10 13.06 -14.02
C GLU B 179 3.89 12.47 -14.70
N HIS B 180 3.16 13.29 -15.44
CA HIS B 180 1.97 12.79 -16.19
C HIS B 180 2.35 11.82 -17.27
N TRP B 181 3.41 12.14 -18.01
CA TRP B 181 3.93 11.21 -18.99
C TRP B 181 4.22 9.84 -18.42
N ALA B 182 4.77 9.80 -17.22
CA ALA B 182 5.12 8.52 -16.61
C ALA B 182 3.89 7.72 -16.18
N SER B 183 2.83 8.39 -15.70
CA SER B 183 1.67 7.68 -15.15
C SER B 183 0.71 7.13 -16.19
N SER B 184 0.45 7.85 -17.28
CA SER B 184 -0.46 7.38 -18.33
C SER B 184 0.20 6.30 -19.20
N SER B 185 -0.64 5.61 -19.98
CA SER B 185 -0.19 4.70 -21.04
C SER B 185 1.03 5.18 -21.81
N ARG B 190 2.23 9.30 -25.36
CA ARG B 190 2.34 10.73 -25.67
C ARG B 190 3.82 11.17 -25.55
N SER B 191 3.95 12.49 -25.72
CA SER B 191 5.20 13.25 -25.57
C SER B 191 5.11 14.17 -24.35
N PRO B 192 6.07 14.06 -23.44
CA PRO B 192 6.16 15.09 -22.39
C PRO B 192 6.34 16.50 -22.99
N LEU B 193 6.92 16.56 -24.18
CA LEU B 193 7.19 17.80 -24.84
C LEU B 193 5.99 18.72 -24.99
N GLU B 194 4.86 18.18 -25.37
CA GLU B 194 3.73 19.06 -25.67
C GLU B 194 3.28 19.71 -24.41
N GLN B 195 3.23 18.94 -23.31
CA GLN B 195 2.71 19.46 -22.08
C GLN B 195 3.66 20.49 -21.49
N ALA B 196 4.95 20.19 -21.51
CA ALA B 196 5.92 21.11 -21.02
C ALA B 196 5.80 22.47 -21.70
N LEU B 197 5.67 22.47 -23.01
CA LEU B 197 5.63 23.71 -23.77
C LEU B 197 4.36 24.49 -23.48
N LEU B 198 3.27 23.74 -23.35
CA LEU B 198 1.98 24.30 -23.04
C LEU B 198 2.13 24.98 -21.70
N ASN B 199 2.71 24.24 -20.73
CA ASN B 199 2.89 24.72 -19.38
C ASN B 199 3.70 25.99 -19.35
N LEU B 200 4.78 26.02 -20.14
CA LEU B 200 5.62 27.20 -20.17
C LEU B 200 4.91 28.44 -20.66
N GLU B 201 3.85 28.27 -21.46
CA GLU B 201 3.16 29.42 -22.05
C GLU B 201 2.80 30.47 -21.01
N VAL B 202 2.67 30.04 -19.76
CA VAL B 202 2.34 30.95 -18.69
C VAL B 202 3.42 32.02 -18.47
N LEU B 203 4.62 31.83 -19.02
CA LEU B 203 5.68 32.82 -18.97
C LEU B 203 5.75 33.70 -20.19
N ARG B 204 4.78 33.58 -21.09
CA ARG B 204 4.74 34.38 -22.34
C ARG B 204 4.76 35.85 -21.90
N GLY B 205 5.78 36.62 -22.29
CA GLY B 205 5.87 38.00 -21.89
C GLY B 205 6.21 38.23 -20.43
N PHE B 206 6.80 37.21 -19.80
CA PHE B 206 7.42 37.39 -18.50
C PHE B 206 8.46 38.48 -18.64
N ALA B 207 8.64 39.25 -17.57
CA ALA B 207 9.58 40.37 -17.53
C ALA B 207 11.00 39.96 -17.18
N TRP B 208 11.81 39.78 -18.22
CA TRP B 208 13.27 39.63 -18.13
C TRP B 208 13.84 41.01 -18.47
N THR C 6 3.57 -40.45 20.84
CA THR C 6 2.43 -41.19 20.17
C THR C 6 1.62 -40.42 19.11
N GLU C 7 1.51 -39.10 19.25
CA GLU C 7 0.97 -38.28 18.20
C GLU C 7 2.05 -38.13 17.14
N ARG C 8 3.28 -38.04 17.62
CA ARG C 8 4.50 -38.17 16.80
C ARG C 8 4.34 -39.31 15.79
N ARG C 9 3.90 -40.48 16.26
CA ARG C 9 3.63 -41.59 15.43
C ARG C 9 2.57 -41.28 14.40
N LYS C 10 1.40 -40.89 14.89
CA LYS C 10 0.28 -40.51 14.04
C LYS C 10 0.68 -39.52 12.99
N ALA C 11 1.42 -38.52 13.39
CA ALA C 11 1.88 -37.50 12.46
C ALA C 11 2.90 -38.06 11.46
N GLU C 12 3.80 -38.92 11.94
CA GLU C 12 4.74 -39.61 11.02
C GLU C 12 3.97 -40.39 9.96
N THR C 13 2.95 -41.12 10.40
CA THR C 13 2.17 -41.94 9.47
C THR C 13 1.43 -41.07 8.50
N ARG C 14 0.75 -40.07 9.03
CA ARG C 14 0.03 -39.11 8.19
C ARG C 14 0.92 -38.48 7.12
N MET C 15 2.16 -38.14 7.46
CA MET C 15 3.09 -37.55 6.48
C MET C 15 3.51 -38.57 5.44
N GLU C 16 3.71 -39.82 5.85
CA GLU C 16 4.11 -40.85 4.89
C GLU C 16 3.06 -41.11 3.86
N ILE C 17 1.80 -41.11 4.28
CA ILE C 17 0.69 -41.22 3.34
C ILE C 17 0.64 -39.95 2.43
N ALA C 18 0.82 -38.77 3.02
CA ALA C 18 0.80 -37.53 2.28
C ALA C 18 1.86 -37.47 1.22
N ARG C 19 3.09 -37.81 1.59
CA ARG C 19 4.17 -37.84 0.62
C ARG C 19 3.89 -38.84 -0.52
N ALA C 20 3.22 -39.95 -0.21
CA ALA C 20 2.84 -40.92 -1.22
C ALA C 20 1.80 -40.39 -2.17
N ALA C 21 0.80 -39.71 -1.63
CA ALA C 21 -0.23 -39.07 -2.45
C ALA C 21 0.38 -38.05 -3.41
N ALA C 22 1.31 -37.23 -2.89
CA ALA C 22 1.91 -36.21 -3.68
C ALA C 22 2.67 -36.79 -4.85
N ARG C 23 3.52 -37.78 -4.59
CA ARG C 23 4.29 -38.41 -5.67
C ARG C 23 3.38 -38.96 -6.79
N LEU C 24 2.28 -39.57 -6.38
CA LEU C 24 1.30 -40.11 -7.32
C LEU C 24 0.54 -39.04 -8.08
N PHE C 25 0.11 -37.99 -7.40
CA PHE C 25 -0.63 -36.93 -8.06
C PHE C 25 0.21 -36.26 -9.14
N VAL C 26 1.52 -36.14 -8.90
CA VAL C 26 2.42 -35.55 -9.88
C VAL C 26 2.80 -36.60 -10.91
N GLY C 27 2.99 -37.83 -10.46
CA GLY C 27 3.31 -38.95 -11.34
C GLY C 27 2.21 -39.30 -12.31
N GLN C 28 0.96 -39.39 -11.83
CA GLN C 28 -0.16 -39.88 -12.64
C GLN C 28 -1.38 -38.94 -12.72
N GLY C 29 -1.41 -37.86 -11.93
CA GLY C 29 -2.58 -36.95 -11.92
C GLY C 29 -3.62 -37.36 -10.88
N LEU C 30 -4.45 -36.41 -10.49
CA LEU C 30 -5.38 -36.62 -9.39
C LEU C 30 -6.49 -37.61 -9.75
N ARG C 31 -7.06 -37.47 -10.93
CA ARG C 31 -8.14 -38.30 -11.37
C ARG C 31 -7.71 -39.75 -11.51
N ALA C 32 -6.52 -39.95 -12.06
CA ALA C 32 -6.02 -41.30 -12.30
C ALA C 32 -5.73 -42.02 -10.98
N THR C 33 -5.33 -41.25 -9.99
CA THR C 33 -4.93 -41.80 -8.72
C THR C 33 -6.13 -41.96 -7.82
N ARG C 34 -6.18 -43.08 -7.11
CA ARG C 34 -7.30 -43.37 -6.23
C ARG C 34 -6.76 -43.63 -4.84
N ALA C 35 -7.63 -43.45 -3.85
CA ALA C 35 -7.28 -43.57 -2.46
C ALA C 35 -6.59 -44.90 -2.22
N GLU C 36 -7.13 -45.93 -2.85
CA GLU C 36 -6.56 -47.25 -2.71
C GLU C 36 -5.09 -47.30 -3.22
N ASP C 37 -4.77 -46.55 -4.28
CA ASP C 37 -3.41 -46.54 -4.85
C ASP C 37 -2.40 -45.89 -3.91
N ILE C 38 -2.89 -44.92 -3.14
CA ILE C 38 -2.06 -44.19 -2.19
C ILE C 38 -1.66 -45.09 -1.04
N ALA C 39 -2.64 -45.82 -0.53
CA ALA C 39 -2.40 -46.80 0.53
C ALA C 39 -1.35 -47.81 0.13
N ARG C 40 -1.49 -48.33 -1.08
CA ARG C 40 -0.50 -49.26 -1.57
C ARG C 40 0.85 -48.56 -1.58
N ALA C 41 0.89 -47.38 -2.17
CA ALA C 41 2.15 -46.63 -2.27
C ALA C 41 2.78 -46.37 -0.90
N ALA C 42 1.93 -46.07 0.10
CA ALA C 42 2.41 -45.77 1.45
C ALA C 42 2.73 -47.01 2.27
N GLY C 43 2.42 -48.20 1.73
CA GLY C 43 2.74 -49.45 2.39
C GLY C 43 1.84 -49.67 3.58
N VAL C 44 0.54 -49.48 3.34
CA VAL C 44 -0.45 -49.70 4.36
C VAL C 44 -1.73 -50.20 3.72
N ALA C 45 -2.57 -50.79 4.54
CA ALA C 45 -3.90 -51.21 4.13
C ALA C 45 -4.86 -50.03 3.90
N PRO C 46 -5.86 -50.23 3.02
CA PRO C 46 -6.88 -49.20 2.82
C PRO C 46 -7.57 -48.81 4.11
N ARG C 47 -7.93 -49.78 4.92
CA ARG C 47 -8.61 -49.47 6.19
C ARG C 47 -7.79 -48.43 6.99
N THR C 48 -6.48 -48.57 6.96
CA THR C 48 -5.59 -47.67 7.65
C THR C 48 -5.64 -46.29 7.03
N PHE C 49 -5.62 -46.24 5.70
CA PHE C 49 -5.69 -44.97 5.01
C PHE C 49 -6.95 -44.19 5.44
N TYR C 50 -8.08 -44.86 5.42
CA TYR C 50 -9.34 -44.23 5.78
C TYR C 50 -9.41 -43.88 7.26
N ARG C 51 -8.63 -44.56 8.07
CA ARG C 51 -8.59 -44.24 9.47
C ARG C 51 -8.02 -42.82 9.66
N TYR C 52 -7.13 -42.39 8.75
CA TYR C 52 -6.58 -41.05 8.80
C TYR C 52 -7.25 -40.00 7.90
N PHE C 53 -7.69 -40.38 6.71
CA PHE C 53 -8.22 -39.42 5.72
C PHE C 53 -9.52 -39.95 5.08
N ALA C 54 -10.51 -39.08 4.89
CA ALA C 54 -11.76 -39.52 4.32
C ALA C 54 -11.68 -39.69 2.82
N THR C 55 -10.80 -38.92 2.17
CA THR C 55 -10.72 -38.87 0.71
C THR C 55 -9.28 -38.68 0.27
N LYS C 56 -8.99 -38.99 -0.99
CA LYS C 56 -7.65 -38.82 -1.54
C LYS C 56 -7.13 -37.37 -1.39
N GLU C 57 -7.98 -36.39 -1.65
CA GLU C 57 -7.49 -35.01 -1.65
C GLU C 57 -7.15 -34.56 -0.25
N GLU C 58 -7.89 -35.04 0.75
CA GLU C 58 -7.59 -34.69 2.15
C GLU C 58 -6.22 -35.18 2.57
N ALA C 59 -5.65 -36.15 1.84
CA ALA C 59 -4.33 -36.71 2.18
C ALA C 59 -3.15 -35.77 1.93
N VAL C 60 -3.39 -34.66 1.23
CA VAL C 60 -2.34 -33.68 0.99
C VAL C 60 -2.23 -32.68 2.12
N ALA C 61 -3.20 -32.66 3.03
CA ALA C 61 -3.25 -31.58 4.00
C ALA C 61 -1.92 -31.45 4.78
N PRO C 62 -1.35 -32.56 5.23
CA PRO C 62 -0.11 -32.45 5.97
C PRO C 62 1.02 -31.71 5.21
N LEU C 63 1.05 -31.78 3.88
CA LEU C 63 2.05 -31.06 3.11
C LEU C 63 1.72 -29.56 3.11
N TYR C 64 0.47 -29.22 2.87
CA TYR C 64 0.05 -27.86 3.01
C TYR C 64 0.31 -27.33 4.42
N ALA C 65 -0.04 -28.11 5.43
CA ALA C 65 0.14 -27.68 6.82
C ALA C 65 1.55 -27.27 7.04
N LEU C 66 2.45 -27.96 6.38
CA LEU C 66 3.88 -27.72 6.51
C LEU C 66 4.26 -26.26 6.14
N GLY C 67 3.72 -25.77 5.02
CA GLY C 67 4.00 -24.41 4.56
C GLY C 67 3.37 -23.39 5.50
N ALA C 68 2.13 -23.64 5.89
CA ALA C 68 1.38 -22.73 6.76
C ALA C 68 2.00 -22.61 8.13
N GLU C 69 2.58 -23.71 8.66
CA GLU C 69 3.19 -23.69 10.00
C GLU C 69 4.49 -22.91 9.95
N ARG C 70 5.19 -23.01 8.83
CA ARG C 70 6.37 -22.20 8.58
C ARG C 70 6.05 -20.67 8.71
N TRP C 71 4.99 -20.23 8.06
CA TRP C 71 4.53 -18.86 8.18
C TRP C 71 4.23 -18.44 9.63
N VAL C 72 3.45 -19.24 10.34
CA VAL C 72 3.13 -18.91 11.72
C VAL C 72 4.38 -18.95 12.62
N ARG C 73 5.27 -19.89 12.37
CA ARG C 73 6.45 -20.00 13.16
C ARG C 73 7.33 -18.78 12.96
N ALA C 74 7.44 -18.32 11.71
CA ALA C 74 8.25 -17.16 11.39
C ALA C 74 7.78 -15.90 12.11
N VAL C 75 6.46 -15.71 12.23
CA VAL C 75 5.90 -14.68 13.10
C VAL C 75 6.29 -14.86 14.58
N ARG C 76 6.24 -16.08 15.07
CA ARG C 76 6.54 -16.33 16.47
C ARG C 76 8.02 -16.14 16.74
N GLU C 77 8.85 -16.65 15.84
CA GLU C 77 10.29 -16.62 15.99
C GLU C 77 10.95 -15.27 15.66
N ALA C 78 10.19 -14.32 15.11
CA ALA C 78 10.76 -13.00 14.81
C ALA C 78 11.35 -12.44 16.11
N PRO C 79 12.48 -11.71 16.02
CA PRO C 79 13.06 -11.14 17.24
C PRO C 79 12.07 -10.32 18.07
N ALA C 80 12.09 -10.52 19.38
CA ALA C 80 11.07 -9.97 20.29
C ALA C 80 10.89 -8.47 20.15
N GLU C 81 12.00 -7.77 19.90
CA GLU C 81 12.07 -6.31 19.85
C GLU C 81 11.18 -5.75 18.72
N LEU C 82 10.88 -6.60 17.75
CA LEU C 82 10.12 -6.21 16.57
C LEU C 82 8.66 -5.95 16.85
N SER C 83 8.16 -4.93 16.17
CA SER C 83 6.76 -4.58 16.18
C SER C 83 5.94 -5.60 15.36
N PRO C 84 4.66 -5.78 15.71
CA PRO C 84 3.87 -6.73 14.96
C PRO C 84 3.93 -6.56 13.41
N PRO C 85 3.72 -5.32 12.89
CA PRO C 85 3.81 -5.23 11.44
C PRO C 85 5.21 -5.55 10.95
N GLU C 86 6.23 -5.19 11.72
CA GLU C 86 7.61 -5.60 11.43
C GLU C 86 7.71 -7.13 11.48
N ALA C 87 7.11 -7.72 12.50
CA ALA C 87 7.14 -9.17 12.66
C ALA C 87 6.46 -9.82 11.47
N LEU C 88 5.34 -9.23 11.08
CA LEU C 88 4.59 -9.73 9.94
C LEU C 88 5.44 -9.61 8.67
N GLU C 89 6.09 -8.46 8.48
CA GLU C 89 6.98 -8.27 7.34
C GLU C 89 8.08 -9.31 7.31
N ARG C 90 8.70 -9.55 8.47
CA ARG C 90 9.76 -10.54 8.55
C ARG C 90 9.20 -11.90 8.13
N ALA C 91 8.05 -12.27 8.68
CA ALA C 91 7.50 -13.60 8.44
C ALA C 91 7.26 -13.84 6.98
N VAL C 92 6.61 -12.88 6.34
CA VAL C 92 6.34 -12.94 4.88
C VAL C 92 7.62 -13.15 4.08
N ARG C 93 8.64 -12.38 4.41
CA ARG C 93 9.87 -12.45 3.67
C ARG C 93 10.51 -13.82 3.82
N HIS C 94 10.47 -14.36 5.03
CA HIS C 94 11.04 -15.68 5.34
C HIS C 94 10.23 -16.74 4.62
N THR C 95 8.91 -16.64 4.74
CA THR C 95 8.00 -17.65 4.26
C THR C 95 7.96 -17.77 2.76
N LEU C 96 8.03 -16.63 2.05
CA LEU C 96 7.96 -16.62 0.60
C LEU C 96 9.32 -16.52 -0.15
N THR C 97 10.41 -16.99 0.46
CA THR C 97 11.71 -17.00 -0.16
C THR C 97 12.40 -18.37 0.11
N SER C 103 18.38 -29.78 1.98
CA SER C 103 16.95 -30.29 1.97
C SER C 103 15.89 -29.19 1.79
N ALA C 104 16.20 -28.26 0.86
CA ALA C 104 15.28 -27.29 0.27
C ALA C 104 15.09 -27.36 -1.32
N PRO C 105 14.90 -28.56 -1.92
CA PRO C 105 14.35 -28.56 -3.29
C PRO C 105 12.81 -28.70 -3.21
N SER C 106 12.31 -28.93 -2.01
CA SER C 106 10.92 -29.14 -1.76
C SER C 106 10.13 -27.85 -1.98
N TRP C 107 10.82 -26.72 -2.13
CA TRP C 107 10.13 -25.50 -2.52
C TRP C 107 9.35 -25.80 -3.77
N GLU C 108 9.97 -26.56 -4.67
CA GLU C 108 9.38 -26.86 -5.95
C GLU C 108 8.17 -27.75 -5.80
N TRP C 109 8.21 -28.68 -4.87
CA TRP C 109 7.03 -29.50 -4.56
C TRP C 109 5.84 -28.68 -4.09
N ALA C 110 6.12 -27.68 -3.27
CA ALA C 110 5.05 -26.89 -2.71
C ALA C 110 4.30 -26.18 -3.83
N ARG C 111 5.07 -25.67 -4.79
CA ARG C 111 4.49 -24.89 -5.86
C ARG C 111 3.54 -25.76 -6.66
N THR C 112 3.96 -27.01 -6.90
CA THR C 112 3.16 -28.02 -7.61
C THR C 112 1.86 -28.36 -6.90
N LEU C 113 1.96 -28.59 -5.60
CA LEU C 113 0.80 -28.95 -4.78
C LEU C 113 -0.23 -27.82 -4.65
N ILE C 114 0.25 -26.60 -4.53
CA ILE C 114 -0.66 -25.47 -4.50
C ILE C 114 -1.24 -25.27 -5.87
N ARG C 115 -0.40 -25.41 -6.90
CA ARG C 115 -0.89 -25.30 -8.25
C ARG C 115 -2.05 -26.27 -8.49
N LEU C 116 -1.95 -27.50 -7.97
CA LEU C 116 -3.02 -28.49 -8.17
C LEU C 116 -4.36 -28.01 -7.64
N ALA C 117 -4.35 -27.27 -6.55
CA ALA C 117 -5.56 -26.73 -5.97
C ALA C 117 -6.33 -25.83 -6.95
N GLU C 118 -5.63 -25.12 -7.83
CA GLU C 118 -6.31 -24.25 -8.80
C GLU C 118 -7.21 -25.05 -9.73
N SER C 119 -6.87 -26.32 -9.95
CA SER C 119 -7.64 -27.18 -10.85
C SER C 119 -8.84 -27.91 -10.17
N SER C 120 -8.66 -28.22 -8.89
CA SER C 120 -9.52 -29.20 -8.20
C SER C 120 -10.31 -28.58 -7.06
N PRO C 121 -11.65 -28.59 -7.14
CA PRO C 121 -12.42 -28.00 -6.06
C PRO C 121 -12.16 -28.67 -4.73
N ALA C 122 -12.04 -29.99 -4.76
CA ALA C 122 -11.87 -30.76 -3.51
C ALA C 122 -10.53 -30.41 -2.82
N LEU C 123 -9.49 -30.29 -3.62
CA LEU C 123 -8.21 -29.86 -3.12
C LEU C 123 -8.26 -28.43 -2.67
N ARG C 124 -9.01 -27.59 -3.37
CA ARG C 124 -9.17 -26.20 -2.91
C ARG C 124 -9.70 -26.21 -1.47
N LYS C 125 -10.69 -27.05 -1.22
CA LYS C 125 -11.29 -27.07 0.12
C LYS C 125 -10.22 -27.36 1.18
N VAL C 126 -9.39 -28.39 0.92
CA VAL C 126 -8.29 -28.77 1.83
C VAL C 126 -7.30 -27.63 2.05
N TRP C 127 -6.91 -27.00 0.95
CA TRP C 127 -6.05 -25.86 1.01
C TRP C 127 -6.68 -24.70 1.84
N ALA C 128 -7.92 -24.36 1.54
CA ALA C 128 -8.60 -23.28 2.27
C ALA C 128 -8.70 -23.59 3.75
N GLU C 129 -9.01 -24.85 4.06
CA GLU C 129 -9.12 -25.32 5.45
C GLU C 129 -7.78 -25.20 6.25
N VAL C 130 -6.68 -25.55 5.62
CA VAL C 130 -5.39 -25.47 6.30
C VAL C 130 -5.03 -24.04 6.60
N CYS C 131 -5.19 -23.18 5.62
CA CYS C 131 -4.92 -21.74 5.80
C CYS C 131 -5.83 -21.12 6.87
N HIS C 132 -7.11 -21.42 6.82
CA HIS C 132 -7.99 -20.91 7.84
C HIS C 132 -7.62 -21.33 9.27
N SER C 133 -7.05 -22.53 9.41
CA SER C 133 -6.67 -23.07 10.75
C SER C 133 -5.52 -22.29 11.32
N THR C 134 -4.67 -21.82 10.43
CA THR C 134 -3.51 -21.04 10.79
C THR C 134 -3.84 -19.74 11.58
N GLU C 135 -5.01 -19.19 11.29
CA GLU C 135 -5.41 -17.93 11.89
C GLU C 135 -5.35 -17.95 13.42
N ARG C 136 -5.90 -18.98 14.05
CA ARG C 136 -5.98 -18.97 15.49
C ARG C 136 -4.58 -18.96 16.08
N GLY C 137 -3.69 -19.74 15.49
CA GLY C 137 -2.31 -19.81 15.95
C GLY C 137 -1.66 -18.44 15.88
N LEU C 138 -1.93 -17.76 14.79
CA LEU C 138 -1.36 -16.46 14.53
C LEU C 138 -1.85 -15.40 15.49
N VAL C 139 -3.12 -15.46 15.87
CA VAL C 139 -3.61 -14.55 16.88
C VAL C 139 -2.87 -14.75 18.20
N GLN C 140 -2.59 -16.01 18.52
CA GLN C 140 -1.89 -16.33 19.79
C GLN C 140 -0.46 -15.76 19.74
N ALA C 141 0.19 -15.90 18.58
CA ALA C 141 1.53 -15.37 18.37
C ALA C 141 1.58 -13.86 18.51
N LEU C 142 0.68 -13.18 17.78
CA LEU C 142 0.60 -11.72 17.80
C LEU C 142 0.23 -11.17 19.17
N ALA C 143 -0.73 -11.83 19.82
CA ALA C 143 -1.16 -11.41 21.15
C ALA C 143 0.03 -11.40 22.10
N ALA C 144 0.79 -12.49 22.09
CA ALA C 144 1.99 -12.61 22.92
C ALA C 144 2.96 -11.46 22.65
N ARG C 145 3.33 -11.26 21.39
CA ARG C 145 4.22 -10.16 21.01
C ARG C 145 3.83 -8.81 21.63
N MET C 146 2.55 -8.50 21.62
CA MET C 146 2.07 -7.19 22.13
C MET C 146 1.82 -7.29 23.62
N SER C 147 1.78 -8.52 24.13
CA SER C 147 1.47 -8.80 25.53
C SER C 147 2.28 -8.00 26.53
N GLY C 148 3.54 -7.76 26.22
CA GLY C 148 4.48 -7.22 27.19
C GLY C 148 4.82 -8.29 28.20
N GLY C 149 4.68 -9.57 27.81
CA GLY C 149 5.03 -10.70 28.67
C GLY C 149 3.93 -11.26 29.58
N ASP C 150 2.96 -10.41 29.95
CA ASP C 150 1.86 -10.84 30.82
C ASP C 150 0.91 -11.75 30.05
N ASP C 151 0.89 -13.04 30.39
CA ASP C 151 -0.09 -13.96 29.80
C ASP C 151 -1.51 -13.43 30.03
N ASN C 152 -1.80 -13.01 31.27
CA ASN C 152 -3.08 -12.41 31.63
C ASN C 152 -3.48 -11.27 30.69
N VAL C 153 -2.58 -10.32 30.48
CA VAL C 153 -2.82 -9.25 29.52
C VAL C 153 -2.98 -9.80 28.09
N ALA C 154 -2.22 -10.83 27.76
CA ALA C 154 -2.25 -11.46 26.42
C ALA C 154 -3.58 -12.11 26.08
N VAL C 155 -4.13 -12.86 27.04
CA VAL C 155 -5.38 -13.58 26.77
C VAL C 155 -6.48 -12.58 26.43
N ARG C 156 -6.46 -11.41 27.06
CA ARG C 156 -7.42 -10.35 26.72
C ARG C 156 -7.30 -10.01 25.25
N LEU C 157 -6.07 -9.74 24.81
CA LEU C 157 -5.81 -9.39 23.41
C LEU C 157 -6.15 -10.51 22.41
N ALA C 158 -5.98 -11.77 22.79
CA ALA C 158 -6.32 -12.89 21.90
C ALA C 158 -7.83 -13.03 21.71
N ALA C 159 -8.61 -12.41 22.60
CA ALA C 159 -10.07 -12.42 22.47
C ALA C 159 -10.54 -11.19 21.72
N SER C 160 -9.58 -10.39 21.27
CA SER C 160 -9.87 -9.13 20.62
C SER C 160 -10.36 -9.32 19.17
N PRO C 161 -11.56 -8.83 18.85
CA PRO C 161 -11.98 -8.89 17.46
C PRO C 161 -11.08 -8.15 16.47
N ARG C 162 -10.48 -7.05 16.90
CA ARG C 162 -9.62 -6.25 16.03
C ARG C 162 -8.43 -7.13 15.62
N LEU C 163 -7.90 -7.85 16.59
CA LEU C 163 -6.78 -8.71 16.35
C LEU C 163 -7.19 -9.90 15.45
N HIS C 164 -8.34 -10.50 15.75
CA HIS C 164 -8.86 -11.53 14.90
C HIS C 164 -8.86 -11.10 13.43
N PHE C 165 -9.36 -9.91 13.16
CA PHE C 165 -9.37 -9.41 11.79
C PHE C 165 -7.97 -9.21 11.21
N ALA C 166 -7.07 -8.61 11.97
CA ALA C 166 -5.71 -8.33 11.48
C ALA C 166 -5.03 -9.63 11.09
N ALA C 167 -5.14 -10.62 11.97
CA ALA C 167 -4.65 -11.97 11.69
C ALA C 167 -5.22 -12.51 10.36
N ALA C 168 -6.52 -12.30 10.15
CA ALA C 168 -7.15 -12.79 8.92
C ALA C 168 -6.53 -12.12 7.69
N VAL C 169 -6.31 -10.83 7.82
CA VAL C 169 -5.80 -10.03 6.71
C VAL C 169 -4.36 -10.45 6.39
N ALA C 170 -3.54 -10.65 7.42
CA ALA C 170 -2.19 -11.10 7.23
C ALA C 170 -2.20 -12.47 6.56
N GLY C 171 -3.01 -13.39 7.07
CA GLY C 171 -3.17 -14.72 6.45
C GLY C 171 -3.47 -14.62 4.96
N ALA C 172 -4.47 -13.82 4.63
CA ALA C 172 -4.90 -13.65 3.22
C ALA C 172 -3.80 -13.05 2.36
N SER C 173 -3.03 -12.15 2.93
CA SER C 173 -1.97 -11.52 2.17
C SER C 173 -0.95 -12.56 1.65
N VAL C 174 -0.59 -13.51 2.52
CA VAL C 174 0.34 -14.57 2.19
C VAL C 174 -0.30 -15.60 1.28
N ARG C 175 -1.47 -16.08 1.67
CA ARG C 175 -2.14 -17.13 0.90
C ARG C 175 -2.38 -16.74 -0.55
N VAL C 176 -2.91 -15.54 -0.75
CA VAL C 176 -3.21 -15.08 -2.10
C VAL C 176 -1.91 -15.02 -2.91
N ALA C 177 -0.86 -14.47 -2.31
CA ALA C 177 0.44 -14.41 -2.98
C ALA C 177 0.92 -15.81 -3.37
N ALA C 178 0.86 -16.73 -2.40
CA ALA C 178 1.26 -18.11 -2.63
C ALA C 178 0.48 -18.70 -3.78
N GLU C 179 -0.83 -18.44 -3.82
CA GLU C 179 -1.67 -18.98 -4.89
C GLU C 179 -1.23 -18.45 -6.26
N HIS C 180 -0.98 -17.14 -6.33
CA HIS C 180 -0.51 -16.52 -7.58
C HIS C 180 0.86 -17.04 -8.00
N TRP C 181 1.76 -17.12 -7.05
CA TRP C 181 3.07 -17.71 -7.29
C TRP C 181 2.98 -19.11 -7.92
N ALA C 182 2.07 -19.92 -7.41
CA ALA C 182 1.91 -21.27 -7.91
C ALA C 182 1.31 -21.32 -9.32
N SER C 183 0.40 -20.40 -9.63
CA SER C 183 -0.43 -20.50 -10.85
C SER C 183 0.35 -20.71 -12.14
N SER C 184 -0.30 -21.43 -13.09
CA SER C 184 0.32 -21.75 -14.38
C SER C 184 0.43 -20.52 -15.28
N SER C 185 -0.63 -19.71 -15.37
CA SER C 185 -0.56 -18.41 -16.07
C SER C 185 -0.85 -17.23 -15.14
N PRO C 186 0.15 -16.80 -14.34
CA PRO C 186 -0.06 -15.64 -13.46
C PRO C 186 -0.01 -14.31 -14.21
N GLN C 187 -0.45 -13.24 -13.55
CA GLN C 187 -0.16 -11.87 -13.99
C GLN C 187 1.36 -11.67 -13.98
N GLY C 188 1.88 -11.07 -15.04
CA GLY C 188 3.30 -11.02 -15.25
C GLY C 188 4.08 -10.30 -14.18
N ALA C 189 3.62 -9.11 -13.80
CA ALA C 189 4.49 -8.12 -13.14
C ALA C 189 5.16 -8.53 -11.80
N ARG C 190 4.37 -8.69 -10.75
CA ARG C 190 4.92 -8.67 -9.37
C ARG C 190 5.35 -10.05 -8.82
N SER C 191 6.55 -10.12 -8.25
CA SER C 191 6.95 -11.32 -7.49
C SER C 191 5.95 -11.61 -6.37
N PRO C 192 5.95 -12.84 -5.84
CA PRO C 192 5.03 -13.12 -4.77
C PRO C 192 5.35 -12.33 -3.50
N LEU C 193 6.63 -12.18 -3.19
CA LEU C 193 7.05 -11.34 -2.09
C LEU C 193 6.53 -9.93 -2.21
N GLU C 194 6.61 -9.35 -3.41
CA GLU C 194 6.19 -7.97 -3.55
C GLU C 194 4.72 -7.92 -3.29
N GLN C 195 3.95 -8.90 -3.78
CA GLN C 195 2.49 -8.86 -3.65
C GLN C 195 2.10 -8.94 -2.19
N ALA C 196 2.66 -9.90 -1.51
CA ALA C 196 2.32 -10.10 -0.12
C ALA C 196 2.54 -8.81 0.66
N LEU C 197 3.67 -8.16 0.42
CA LEU C 197 4.03 -6.98 1.19
C LEU C 197 3.14 -5.82 0.83
N LEU C 198 2.82 -5.72 -0.47
CA LEU C 198 1.90 -4.74 -0.96
C LEU C 198 0.59 -4.93 -0.26
N ASN C 199 0.10 -6.17 -0.29
CA ASN C 199 -1.17 -6.52 0.33
C ASN C 199 -1.20 -6.14 1.80
N LEU C 200 -0.10 -6.39 2.49
CA LEU C 200 -0.04 -6.08 3.89
C LEU C 200 -0.21 -4.58 4.18
N GLU C 201 0.17 -3.74 3.22
CA GLU C 201 0.15 -2.29 3.44
C GLU C 201 -1.19 -1.80 3.93
N VAL C 202 -2.25 -2.56 3.67
CA VAL C 202 -3.57 -2.18 4.11
C VAL C 202 -3.68 -2.17 5.64
N LEU C 203 -2.74 -2.78 6.34
CA LEU C 203 -2.72 -2.68 7.79
C LEU C 203 -1.86 -1.54 8.29
N ARG C 204 -1.40 -0.65 7.42
CA ARG C 204 -0.62 0.52 7.83
C ARG C 204 -1.24 1.24 9.02
N GLY C 205 -2.56 1.37 9.04
CA GLY C 205 -3.22 2.09 10.12
C GLY C 205 -3.04 1.65 11.56
N PHE C 206 -2.66 0.41 11.86
CA PHE C 206 -2.27 0.08 13.22
C PHE C 206 -3.45 -0.10 14.15
N ALA C 207 -3.08 -0.42 15.37
CA ALA C 207 -3.98 -1.00 16.39
C ALA C 207 -3.14 -1.63 17.49
N GLU D 12 -36.61 -26.28 -2.14
CA GLU D 12 -36.68 -25.90 -0.72
C GLU D 12 -36.60 -27.08 0.24
N THR D 13 -36.32 -28.27 -0.25
CA THR D 13 -36.12 -29.42 0.60
C THR D 13 -34.87 -29.23 1.45
N ARG D 14 -33.78 -28.75 0.83
CA ARG D 14 -32.56 -28.49 1.56
C ARG D 14 -32.77 -27.65 2.80
N MET D 15 -33.58 -26.60 2.68
CA MET D 15 -33.81 -25.70 3.82
C MET D 15 -34.65 -26.36 4.90
N GLU D 16 -35.60 -27.19 4.48
CA GLU D 16 -36.46 -27.87 5.45
C GLU D 16 -35.63 -28.81 6.30
N ILE D 17 -34.66 -29.49 5.69
CA ILE D 17 -33.76 -30.36 6.43
C ILE D 17 -32.88 -29.52 7.36
N ALA D 18 -32.36 -28.41 6.85
CA ALA D 18 -31.50 -27.54 7.62
C ALA D 18 -32.17 -27.01 8.86
N ARG D 19 -33.38 -26.53 8.70
CA ARG D 19 -34.13 -26.03 9.82
C ARG D 19 -34.36 -27.14 10.85
N ALA D 20 -34.56 -28.36 10.39
CA ALA D 20 -34.74 -29.50 11.28
C ALA D 20 -33.48 -29.81 12.05
N ALA D 21 -32.35 -29.81 11.37
CA ALA D 21 -31.07 -30.05 12.03
C ALA D 21 -30.82 -29.00 13.14
N ALA D 22 -31.08 -27.75 12.80
CA ALA D 22 -30.85 -26.67 13.72
C ALA D 22 -31.67 -26.86 14.99
N ARG D 23 -32.96 -27.08 14.84
CA ARG D 23 -33.81 -27.25 16.01
C ARG D 23 -33.29 -28.35 16.91
N LEU D 24 -32.88 -29.47 16.30
CA LEU D 24 -32.39 -30.63 17.03
C LEU D 24 -31.07 -30.37 17.73
N PHE D 25 -30.14 -29.72 17.03
CA PHE D 25 -28.85 -29.45 17.63
C PHE D 25 -29.00 -28.58 18.86
N VAL D 26 -29.92 -27.62 18.81
CA VAL D 26 -30.15 -26.73 19.93
C VAL D 26 -31.02 -27.45 20.97
N GLY D 27 -31.99 -28.23 20.50
CA GLY D 27 -32.84 -29.01 21.38
C GLY D 27 -32.08 -30.07 22.15
N GLN D 28 -31.26 -30.85 21.46
CA GLN D 28 -30.63 -32.06 22.02
C GLN D 28 -29.10 -32.09 22.02
N GLY D 29 -28.47 -31.17 21.27
CA GLY D 29 -27.03 -31.21 21.12
C GLY D 29 -26.60 -32.04 19.92
N LEU D 30 -25.37 -31.82 19.50
CA LEU D 30 -24.88 -32.46 18.31
C LEU D 30 -24.65 -33.94 18.49
N ARG D 31 -24.04 -34.29 19.62
CA ARG D 31 -23.68 -35.67 19.90
C ARG D 31 -24.89 -36.57 19.95
N ALA D 32 -25.92 -36.08 20.61
CA ALA D 32 -27.18 -36.83 20.77
C ALA D 32 -27.88 -37.02 19.43
N THR D 33 -27.77 -36.01 18.55
CA THR D 33 -28.51 -36.00 17.30
C THR D 33 -27.71 -36.74 16.23
N ARG D 34 -28.41 -37.52 15.42
CA ARG D 34 -27.81 -38.26 14.33
C ARG D 34 -28.51 -37.92 13.00
N ALA D 35 -27.79 -38.15 11.91
CA ALA D 35 -28.31 -37.83 10.59
C ALA D 35 -29.70 -38.43 10.39
N GLU D 36 -29.88 -39.66 10.86
CA GLU D 36 -31.14 -40.33 10.75
C GLU D 36 -32.24 -39.55 11.49
N ASP D 37 -31.91 -38.94 12.62
CA ASP D 37 -32.91 -38.21 13.42
C ASP D 37 -33.38 -36.94 12.72
N ILE D 38 -32.49 -36.36 11.95
CA ILE D 38 -32.78 -35.15 11.21
C ILE D 38 -33.76 -35.45 10.11
N ALA D 39 -33.52 -36.55 9.38
CA ALA D 39 -34.41 -37.01 8.34
C ALA D 39 -35.81 -37.24 8.88
N ARG D 40 -35.90 -37.92 10.00
CA ARG D 40 -37.20 -38.12 10.62
C ARG D 40 -37.82 -36.78 10.91
N ALA D 41 -37.07 -35.89 11.56
CA ALA D 41 -37.58 -34.61 11.92
C ALA D 41 -38.06 -33.83 10.69
N ALA D 42 -37.31 -33.92 9.60
CA ALA D 42 -37.66 -33.20 8.37
C ALA D 42 -38.77 -33.85 7.58
N GLY D 43 -39.21 -35.05 7.99
CA GLY D 43 -40.30 -35.74 7.32
C GLY D 43 -39.82 -36.17 5.97
N VAL D 44 -38.67 -36.80 5.96
CA VAL D 44 -38.01 -37.18 4.73
C VAL D 44 -37.27 -38.53 4.98
N ALA D 45 -37.10 -39.34 3.94
CA ALA D 45 -36.34 -40.59 4.05
C ALA D 45 -34.82 -40.34 4.18
N PRO D 46 -34.11 -41.28 4.81
CA PRO D 46 -32.65 -41.13 4.91
C PRO D 46 -31.97 -40.99 3.57
N ARG D 47 -32.40 -41.77 2.59
CA ARG D 47 -31.81 -41.67 1.24
C ARG D 47 -31.86 -40.23 0.76
N THR D 48 -32.99 -39.56 1.01
CA THR D 48 -33.19 -38.18 0.61
C THR D 48 -32.23 -37.27 1.35
N PHE D 49 -32.07 -37.50 2.64
CA PHE D 49 -31.13 -36.70 3.42
C PHE D 49 -29.72 -36.75 2.82
N TYR D 50 -29.23 -37.96 2.56
CA TYR D 50 -27.89 -38.12 2.04
C TYR D 50 -27.76 -37.59 0.62
N ARG D 51 -28.87 -37.51 -0.10
CA ARG D 51 -28.84 -36.96 -1.43
C ARG D 51 -28.33 -35.55 -1.35
N TYR D 52 -28.74 -34.84 -0.29
CA TYR D 52 -28.34 -33.46 -0.14
C TYR D 52 -27.14 -33.19 0.75
N PHE D 53 -26.93 -33.98 1.79
CA PHE D 53 -25.80 -33.74 2.72
C PHE D 53 -25.04 -35.01 3.07
N ALA D 54 -23.71 -34.92 3.14
CA ALA D 54 -22.90 -36.10 3.45
C ALA D 54 -22.95 -36.43 4.93
N THR D 55 -23.13 -35.42 5.78
CA THR D 55 -23.03 -35.57 7.22
C THR D 55 -24.05 -34.66 7.91
N LYS D 56 -24.31 -34.95 9.17
CA LYS D 56 -25.19 -34.10 9.97
C LYS D 56 -24.77 -32.62 10.00
N GLU D 57 -23.49 -32.38 10.19
CA GLU D 57 -23.01 -31.01 10.36
C GLU D 57 -23.16 -30.20 9.06
N GLU D 58 -22.97 -30.85 7.92
CA GLU D 58 -23.10 -30.18 6.64
C GLU D 58 -24.50 -29.69 6.45
N ALA D 59 -25.46 -30.24 7.18
CA ALA D 59 -26.89 -29.87 6.99
C ALA D 59 -27.26 -28.47 7.48
N VAL D 60 -26.36 -27.83 8.21
CA VAL D 60 -26.61 -26.45 8.63
C VAL D 60 -26.12 -25.44 7.58
N ALA D 61 -25.42 -25.89 6.55
CA ALA D 61 -24.84 -24.96 5.63
C ALA D 61 -25.89 -24.02 5.04
N PRO D 62 -27.04 -24.52 4.61
CA PRO D 62 -28.03 -23.62 4.02
C PRO D 62 -28.41 -22.45 4.91
N LEU D 63 -28.37 -22.64 6.23
CA LEU D 63 -28.67 -21.52 7.14
C LEU D 63 -27.54 -20.51 7.09
N TYR D 64 -26.31 -20.95 7.21
CA TYR D 64 -25.19 -20.06 7.04
C TYR D 64 -25.21 -19.39 5.67
N ALA D 65 -25.42 -20.17 4.63
CA ALA D 65 -25.39 -19.63 3.27
C ALA D 65 -26.35 -18.49 3.16
N LEU D 66 -27.45 -18.57 3.89
CA LEU D 66 -28.49 -17.55 3.86
C LEU D 66 -27.94 -16.17 4.21
N GLY D 67 -27.13 -16.08 5.26
CA GLY D 67 -26.56 -14.80 5.67
C GLY D 67 -25.58 -14.32 4.62
N ALA D 68 -24.73 -15.24 4.17
CA ALA D 68 -23.69 -14.91 3.24
C ALA D 68 -24.21 -14.52 1.86
N GLU D 69 -25.29 -15.14 1.40
CA GLU D 69 -25.83 -14.87 0.08
C GLU D 69 -26.47 -13.51 -0.03
N ARG D 70 -27.15 -13.10 1.02
CA ARG D 70 -27.75 -11.78 1.09
C ARG D 70 -26.65 -10.74 0.93
N TRP D 71 -25.55 -10.90 1.65
CA TRP D 71 -24.46 -9.98 1.52
C TRP D 71 -23.93 -9.89 0.07
N VAL D 72 -23.62 -11.03 -0.55
CA VAL D 72 -23.10 -11.00 -1.92
C VAL D 72 -24.11 -10.37 -2.92
N ARG D 73 -25.39 -10.67 -2.74
CA ARG D 73 -26.37 -10.13 -3.62
C ARG D 73 -26.42 -8.60 -3.46
N ALA D 74 -26.35 -8.15 -2.22
CA ALA D 74 -26.40 -6.72 -1.94
C ALA D 74 -25.23 -5.96 -2.56
N VAL D 75 -24.04 -6.54 -2.58
CA VAL D 75 -22.92 -5.99 -3.34
C VAL D 75 -23.24 -5.92 -4.84
N ARG D 76 -23.83 -6.98 -5.40
CA ARG D 76 -24.09 -7.04 -6.83
C ARG D 76 -25.15 -6.01 -7.20
N GLU D 77 -26.21 -5.96 -6.38
CA GLU D 77 -27.37 -5.11 -6.65
C GLU D 77 -27.17 -3.63 -6.34
N ALA D 78 -26.09 -3.27 -5.66
CA ALA D 78 -25.84 -1.88 -5.32
C ALA D 78 -25.85 -1.08 -6.61
N PRO D 79 -26.35 0.18 -6.56
CA PRO D 79 -26.34 1.00 -7.77
C PRO D 79 -24.95 1.11 -8.41
N ALA D 80 -24.88 0.99 -9.72
CA ALA D 80 -23.60 0.94 -10.44
C ALA D 80 -22.69 2.13 -10.14
N GLU D 81 -23.30 3.30 -9.95
CA GLU D 81 -22.58 4.56 -9.72
C GLU D 81 -21.72 4.50 -8.45
N LEU D 82 -22.15 3.65 -7.54
CA LEU D 82 -21.41 3.46 -6.29
C LEU D 82 -20.05 2.85 -6.54
N SER D 83 -19.08 3.32 -5.77
CA SER D 83 -17.71 2.78 -5.79
C SER D 83 -17.67 1.43 -5.05
N PRO D 84 -16.75 0.53 -5.42
CA PRO D 84 -16.67 -0.76 -4.70
C PRO D 84 -16.66 -0.67 -3.15
N PRO D 85 -15.75 0.13 -2.57
CA PRO D 85 -15.82 0.21 -1.12
C PRO D 85 -17.17 0.78 -0.63
N GLU D 86 -17.73 1.72 -1.37
CA GLU D 86 -19.07 2.21 -1.09
C GLU D 86 -20.06 1.07 -1.24
N ALA D 87 -19.92 0.29 -2.30
CA ALA D 87 -20.81 -0.84 -2.55
C ALA D 87 -20.68 -1.81 -1.37
N LEU D 88 -19.44 -2.04 -0.93
CA LEU D 88 -19.24 -2.90 0.23
C LEU D 88 -19.93 -2.36 1.47
N GLU D 89 -19.74 -1.07 1.70
CA GLU D 89 -20.45 -0.42 2.82
C GLU D 89 -21.97 -0.56 2.65
N ARG D 90 -22.48 -0.34 1.44
CA ARG D 90 -23.90 -0.45 1.21
C ARG D 90 -24.37 -1.85 1.54
N ALA D 91 -23.66 -2.86 1.08
CA ALA D 91 -24.03 -4.26 1.25
C ALA D 91 -24.19 -4.66 2.73
N VAL D 92 -23.23 -4.27 3.55
CA VAL D 92 -23.33 -4.43 5.02
C VAL D 92 -24.70 -3.85 5.57
N ARG D 93 -25.31 -2.94 4.81
CA ARG D 93 -26.63 -2.41 5.16
C ARG D 93 -27.67 -3.51 5.15
N HIS D 94 -27.56 -4.45 4.21
CA HIS D 94 -28.48 -5.57 4.10
C HIS D 94 -28.53 -6.38 5.38
N THR D 95 -27.35 -6.69 5.93
CA THR D 95 -27.23 -7.23 7.28
C THR D 95 -27.76 -6.19 8.27
N LEU D 96 -27.47 -4.91 8.03
CA LEU D 96 -27.98 -3.81 8.87
C LEU D 96 -29.50 -3.67 8.87
N TRP D 107 -31.47 -15.60 12.21
CA TRP D 107 -31.41 -14.29 12.94
C TRP D 107 -30.92 -14.50 14.39
N GLU D 108 -31.82 -14.67 15.36
CA GLU D 108 -31.46 -15.19 16.69
C GLU D 108 -30.87 -16.60 16.56
N TRP D 109 -31.45 -17.41 15.67
CA TRP D 109 -30.88 -18.72 15.34
C TRP D 109 -29.44 -18.64 14.82
N ALA D 110 -29.16 -17.62 14.03
CA ALA D 110 -27.83 -17.47 13.48
C ALA D 110 -26.75 -17.37 14.55
N ARG D 111 -27.03 -16.58 15.58
CA ARG D 111 -26.05 -16.35 16.63
C ARG D 111 -25.68 -17.66 17.27
N THR D 112 -26.69 -18.45 17.56
CA THR D 112 -26.44 -19.71 18.20
C THR D 112 -25.72 -20.74 17.33
N LEU D 113 -26.07 -20.81 16.04
CA LEU D 113 -25.39 -21.70 15.11
C LEU D 113 -23.92 -21.35 14.87
N ILE D 114 -23.60 -20.06 14.81
CA ILE D 114 -22.22 -19.64 14.70
C ILE D 114 -21.54 -19.92 16.01
N ARG D 115 -22.22 -19.66 17.12
CA ARG D 115 -21.65 -19.97 18.43
C ARG D 115 -21.22 -21.48 18.51
N LEU D 116 -22.07 -22.35 17.98
CA LEU D 116 -21.76 -23.78 18.02
C LEU D 116 -20.46 -24.12 17.31
N ALA D 117 -20.15 -23.41 16.23
CA ALA D 117 -18.93 -23.64 15.49
C ALA D 117 -17.69 -23.49 16.36
N GLU D 118 -17.73 -22.59 17.35
CA GLU D 118 -16.55 -22.37 18.20
C GLU D 118 -16.19 -23.63 18.97
N SER D 119 -17.18 -24.47 19.22
CA SER D 119 -17.00 -25.67 20.02
C SER D 119 -16.95 -26.98 19.21
N SER D 120 -17.17 -26.95 17.91
CA SER D 120 -17.15 -28.18 17.12
C SER D 120 -16.24 -28.06 15.90
N PRO D 121 -15.22 -28.90 15.82
CA PRO D 121 -14.40 -28.84 14.62
C PRO D 121 -15.17 -29.07 13.31
N ALA D 122 -16.09 -30.02 13.32
CA ALA D 122 -16.80 -30.40 12.09
C ALA D 122 -17.67 -29.26 11.60
N LEU D 123 -18.34 -28.59 12.53
CA LEU D 123 -19.11 -27.41 12.24
C LEU D 123 -18.22 -26.27 11.80
N ARG D 124 -17.05 -26.12 12.42
CA ARG D 124 -16.11 -25.10 11.99
C ARG D 124 -15.83 -25.30 10.49
N LYS D 125 -15.63 -26.54 10.07
CA LYS D 125 -15.33 -26.79 8.65
C LYS D 125 -16.43 -26.26 7.76
N VAL D 126 -17.68 -26.57 8.10
CA VAL D 126 -18.87 -26.10 7.35
C VAL D 126 -18.93 -24.59 7.30
N TRP D 127 -18.72 -23.97 8.44
CA TRP D 127 -18.72 -22.53 8.56
C TRP D 127 -17.60 -21.90 7.68
N ALA D 128 -16.40 -22.42 7.82
CA ALA D 128 -15.30 -21.92 7.04
C ALA D 128 -15.58 -22.08 5.54
N GLU D 129 -16.14 -23.22 5.16
CA GLU D 129 -16.43 -23.52 3.77
C GLU D 129 -17.47 -22.56 3.19
N VAL D 130 -18.52 -22.25 3.95
CA VAL D 130 -19.53 -21.31 3.47
C VAL D 130 -18.92 -19.93 3.25
N CYS D 131 -18.15 -19.48 4.21
CA CYS D 131 -17.54 -18.16 4.11
C CYS D 131 -16.55 -18.11 2.93
N HIS D 132 -15.70 -19.11 2.81
CA HIS D 132 -14.80 -19.14 1.70
C HIS D 132 -15.51 -19.16 0.32
N SER D 133 -16.64 -19.83 0.23
CA SER D 133 -17.43 -19.94 -0.97
C SER D 133 -18.02 -18.55 -1.37
N THR D 134 -18.31 -17.76 -0.34
CA THR D 134 -18.71 -16.38 -0.45
C THR D 134 -17.61 -15.54 -1.09
N GLU D 135 -16.34 -15.77 -0.72
CA GLU D 135 -15.24 -15.08 -1.36
C GLU D 135 -15.26 -15.18 -2.86
N ARG D 136 -15.40 -16.39 -3.39
CA ARG D 136 -15.35 -16.56 -4.85
C ARG D 136 -16.51 -15.80 -5.50
N GLY D 137 -17.68 -15.87 -4.88
CA GLY D 137 -18.86 -15.18 -5.40
C GLY D 137 -18.64 -13.69 -5.46
N LEU D 138 -18.00 -13.19 -4.40
CA LEU D 138 -17.73 -11.80 -4.23
C LEU D 138 -16.71 -11.27 -5.24
N VAL D 139 -15.71 -12.08 -5.58
CA VAL D 139 -14.77 -11.71 -6.63
C VAL D 139 -15.52 -11.55 -7.94
N GLN D 140 -16.47 -12.42 -8.20
CA GLN D 140 -17.24 -12.38 -9.45
C GLN D 140 -18.09 -11.11 -9.49
N ALA D 141 -18.72 -10.77 -8.35
CA ALA D 141 -19.48 -9.54 -8.23
C ALA D 141 -18.65 -8.29 -8.48
N LEU D 142 -17.53 -8.19 -7.77
CA LEU D 142 -16.62 -7.06 -7.88
C LEU D 142 -16.01 -6.95 -9.27
N ALA D 143 -15.61 -8.08 -9.85
CA ALA D 143 -15.03 -8.10 -11.19
C ALA D 143 -15.99 -7.48 -12.18
N ALA D 144 -17.25 -7.92 -12.12
CA ALA D 144 -18.30 -7.39 -12.99
C ALA D 144 -18.41 -5.86 -12.85
N ARG D 145 -18.60 -5.39 -11.63
CA ARG D 145 -18.70 -3.95 -11.37
C ARG D 145 -17.56 -3.12 -12.04
N MET D 146 -16.34 -3.63 -12.01
CA MET D 146 -15.20 -2.94 -12.62
C MET D 146 -15.11 -3.26 -14.09
N SER D 147 -15.77 -4.34 -14.51
CA SER D 147 -15.70 -4.89 -15.85
C SER D 147 -15.89 -3.85 -16.96
N GLY D 148 -16.78 -2.89 -16.71
CA GLY D 148 -17.23 -1.99 -17.76
C GLY D 148 -18.16 -2.73 -18.71
N GLY D 149 -18.79 -3.81 -18.22
CA GLY D 149 -19.76 -4.59 -18.99
C GLY D 149 -19.20 -5.75 -19.81
N ASP D 150 -17.93 -5.67 -20.22
CA ASP D 150 -17.31 -6.75 -21.00
C ASP D 150 -17.05 -7.96 -20.11
N ASP D 151 -17.80 -9.03 -20.33
CA ASP D 151 -17.55 -10.31 -19.64
C ASP D 151 -16.08 -10.74 -19.84
N ASN D 152 -15.61 -10.65 -21.08
CA ASN D 152 -14.21 -10.94 -21.41
C ASN D 152 -13.23 -10.17 -20.55
N VAL D 153 -13.42 -8.85 -20.43
CA VAL D 153 -12.57 -8.05 -19.53
C VAL D 153 -12.75 -8.48 -18.07
N ALA D 154 -13.98 -8.86 -17.71
CA ALA D 154 -14.30 -9.28 -16.35
C ALA D 154 -13.55 -10.54 -15.95
N VAL D 155 -13.52 -11.55 -16.82
CA VAL D 155 -12.88 -12.81 -16.49
C VAL D 155 -11.40 -12.59 -16.13
N ARG D 156 -10.77 -11.68 -16.85
CA ARG D 156 -9.39 -11.29 -16.56
C ARG D 156 -9.31 -10.78 -15.12
N LEU D 157 -10.18 -9.84 -14.78
CA LEU D 157 -10.20 -9.26 -13.45
C LEU D 157 -10.53 -10.26 -12.33
N ALA D 158 -11.35 -11.25 -12.61
CA ALA D 158 -11.66 -12.29 -11.61
C ALA D 158 -10.48 -13.22 -11.33
N ALA D 159 -9.48 -13.21 -12.21
CA ALA D 159 -8.25 -13.97 -12.01
C ALA D 159 -7.18 -13.08 -11.38
N SER D 160 -7.56 -11.84 -11.07
CA SER D 160 -6.64 -10.86 -10.52
C SER D 160 -6.31 -11.13 -9.05
N PRO D 161 -5.03 -11.32 -8.72
CA PRO D 161 -4.70 -11.51 -7.31
C PRO D 161 -5.06 -10.32 -6.43
N ARG D 162 -5.02 -9.11 -6.99
CA ARG D 162 -5.34 -7.91 -6.23
C ARG D 162 -6.82 -7.94 -5.78
N LEU D 163 -7.69 -8.31 -6.71
CA LEU D 163 -9.10 -8.44 -6.41
C LEU D 163 -9.32 -9.61 -5.44
N HIS D 164 -8.62 -10.74 -5.67
CA HIS D 164 -8.70 -11.87 -4.77
C HIS D 164 -8.45 -11.44 -3.32
N PHE D 165 -7.39 -10.67 -3.09
CA PHE D 165 -7.09 -10.18 -1.76
C PHE D 165 -8.16 -9.27 -1.19
N ALA D 166 -8.63 -8.30 -1.99
CA ALA D 166 -9.62 -7.35 -1.48
C ALA D 166 -10.86 -8.10 -1.03
N ALA D 167 -11.31 -9.01 -1.88
CA ALA D 167 -12.46 -9.86 -1.56
C ALA D 167 -12.26 -10.61 -0.24
N ALA D 168 -11.06 -11.14 -0.04
CA ALA D 168 -10.76 -11.86 1.19
C ALA D 168 -10.88 -10.96 2.41
N VAL D 169 -10.37 -9.75 2.27
CA VAL D 169 -10.37 -8.81 3.36
C VAL D 169 -11.82 -8.41 3.72
N ALA D 170 -12.63 -8.16 2.71
CA ALA D 170 -14.04 -7.81 2.95
C ALA D 170 -14.76 -8.97 3.62
N GLY D 171 -14.57 -10.18 3.08
CA GLY D 171 -15.12 -11.39 3.68
C GLY D 171 -14.74 -11.52 5.15
N ALA D 172 -13.46 -11.34 5.44
CA ALA D 172 -12.94 -11.51 6.80
C ALA D 172 -13.54 -10.45 7.74
N SER D 173 -13.78 -9.26 7.19
CA SER D 173 -14.32 -8.16 8.00
C SER D 173 -15.66 -8.57 8.62
N VAL D 174 -16.52 -9.14 7.79
CA VAL D 174 -17.82 -9.61 8.22
C VAL D 174 -17.73 -10.87 9.07
N ARG D 175 -17.03 -11.87 8.57
CA ARG D 175 -16.92 -13.15 9.27
C ARG D 175 -16.39 -13.01 10.70
N VAL D 176 -15.30 -12.27 10.85
CA VAL D 176 -14.68 -12.11 12.16
C VAL D 176 -15.66 -11.43 13.09
N ALA D 177 -16.31 -10.38 12.60
CA ALA D 177 -17.30 -9.67 13.39
C ALA D 177 -18.37 -10.65 13.85
N ALA D 178 -18.92 -11.40 12.89
CA ALA D 178 -19.96 -12.37 13.17
C ALA D 178 -19.50 -13.35 14.24
N GLU D 179 -18.28 -13.83 14.09
CA GLU D 179 -17.77 -14.82 15.02
C GLU D 179 -17.67 -14.28 16.44
N HIS D 180 -17.13 -13.07 16.57
CA HIS D 180 -17.02 -12.43 17.90
C HIS D 180 -18.40 -12.11 18.48
N TRP D 181 -19.30 -11.61 17.65
CA TRP D 181 -20.68 -11.39 18.07
C TRP D 181 -21.30 -12.65 18.66
N ALA D 182 -21.06 -13.77 18.04
CA ALA D 182 -21.66 -15.02 18.50
C ALA D 182 -21.05 -15.49 19.82
N SER D 183 -19.79 -15.18 20.07
CA SER D 183 -19.12 -15.62 21.30
C SER D 183 -19.53 -14.86 22.57
N SER D 184 -19.97 -13.61 22.39
CA SER D 184 -20.37 -12.75 23.46
C SER D 184 -21.75 -12.14 23.19
N GLU D 194 -21.52 -3.22 12.25
CA GLU D 194 -20.77 -2.44 13.27
C GLU D 194 -19.30 -2.81 13.28
N GLN D 195 -19.00 -4.01 13.79
CA GLN D 195 -17.66 -4.52 13.76
C GLN D 195 -17.24 -4.69 12.30
N ALA D 196 -18.11 -5.26 11.51
CA ALA D 196 -17.80 -5.46 10.11
C ALA D 196 -17.42 -4.14 9.45
N LEU D 197 -18.19 -3.08 9.71
CA LEU D 197 -17.94 -1.80 9.07
C LEU D 197 -16.65 -1.21 9.56
N LEU D 198 -16.40 -1.35 10.85
CA LEU D 198 -15.19 -0.89 11.47
C LEU D 198 -14.05 -1.60 10.78
N ASN D 199 -14.16 -2.93 10.69
CA ASN D 199 -13.12 -3.75 10.08
C ASN D 199 -12.82 -3.30 8.64
N LEU D 200 -13.89 -3.03 7.92
CA LEU D 200 -13.76 -2.64 6.54
C LEU D 200 -13.10 -1.27 6.32
N GLU D 201 -12.97 -0.47 7.39
CA GLU D 201 -12.26 0.80 7.30
C GLU D 201 -10.90 0.67 6.67
N VAL D 202 -10.34 -0.53 6.71
CA VAL D 202 -9.00 -0.78 6.20
C VAL D 202 -8.86 -0.64 4.68
N LEU D 203 -9.96 -0.77 3.95
CA LEU D 203 -9.84 -0.72 2.50
C LEU D 203 -9.28 0.65 2.03
N ARG D 204 -9.84 1.71 2.60
CA ARG D 204 -9.20 3.01 2.53
C ARG D 204 -8.74 3.41 1.15
N GLY D 205 -9.56 3.11 0.15
CA GLY D 205 -9.12 3.37 -1.21
C GLY D 205 -7.96 2.46 -1.55
N PHE D 206 -8.15 1.22 -1.17
CA PHE D 206 -7.29 0.13 -1.60
C PHE D 206 -7.22 0.25 -3.10
N ALA D 207 -6.04 0.07 -3.67
CA ALA D 207 -5.80 0.44 -5.05
C ALA D 207 -6.20 -0.67 -6.02
N TRP D 208 -7.51 -0.78 -6.23
CA TRP D 208 -8.10 -1.78 -7.15
C TRP D 208 -7.71 -1.56 -8.61
#